data_2P4S
#
_entry.id   2P4S
#
_cell.length_a   106.718
_cell.length_b   106.718
_cell.length_c   240.388
_cell.angle_alpha   90.00
_cell.angle_beta   90.00
_cell.angle_gamma   90.00
#
_symmetry.space_group_name_H-M   'P 41 21 2'
#
loop_
_entity.id
_entity.type
_entity.pdbx_description
1 polymer 'Purine nucleoside phosphorylase'
2 non-polymer 'PHOSPHATE ION'
3 non-polymer 7-[[(3R,4R)-3-(hydroxymethyl)-4-oxidanyl-pyrrolidin-1-ium-1-yl]methyl]-3,5-dihydropyrrolo[3,2-d]pyrimidin-4-one
4 water water
#
_entity_poly.entity_id   1
_entity_poly.type   'polypeptide(L)'
_entity_poly.pdbx_seq_one_letter_code
;MGSSHHHHHHSSGLVPRGSHMSKFSYLQNGKASTNGVPHANGHHQQHQNGHSNGVARNGGTATDTLPVAYQQKAATSGPF
HMPRTEHVGYTYDTLQEIATYLLERTELRPKVGIICGSGLGTLAEQLTDVDSFDYETIPHFPVSTVAGHVGRLVFGYLAG
VPVMCMQGRFHHYEGYPLAKCAMPVRVMHLIGCTHLIATNAAGGANPKYRVGDIMLIKDHINLMGFAGNNPLQGPNDERF
GPRFFGMANTYDPKLNQQAKVIARQIGIENELREGVYTCLGGPNFETVAEVKMLSMLGVDAIGMSTVHEIITARHCGMTC
FAFSLITNMCTMSYEEEEEHCHDSIVGVGKNREKTLGEFVSRIVKHIHYEAKK
;
_entity_poly.pdbx_strand_id   A,B,C
#
loop_
_chem_comp.id
_chem_comp.type
_chem_comp.name
_chem_comp.formula
DIH non-polymer 7-[[(3R,4R)-3-(hydroxymethyl)-4-oxidanyl-pyrrolidin-1-ium-1-yl]methyl]-3,5-dihydropyrrolo[3,2-d]pyrimidin-4-one 'C12 H17 N4 O3 1'
PO4 non-polymer 'PHOSPHATE ION' 'O4 P -3'
#
# COMPACT_ATOMS: atom_id res chain seq x y z
N TYR A 90 -6.13 -15.28 15.41
CA TYR A 90 -7.58 -15.61 15.65
C TYR A 90 -8.02 -16.79 14.79
N THR A 91 -8.04 -17.97 15.40
CA THR A 91 -8.57 -19.16 14.77
C THR A 91 -10.12 -19.30 14.92
N TYR A 92 -10.73 -20.15 14.09
CA TYR A 92 -12.16 -20.49 14.25
C TYR A 92 -12.56 -20.87 15.68
N ASP A 93 -11.74 -21.74 16.29
CA ASP A 93 -12.00 -22.25 17.62
C ASP A 93 -11.97 -21.18 18.69
N THR A 94 -10.97 -20.31 18.64
CA THR A 94 -10.94 -19.15 19.52
C THR A 94 -12.16 -18.26 19.34
N LEU A 95 -12.57 -18.03 18.09
CA LEU A 95 -13.70 -17.16 17.77
C LEU A 95 -14.99 -17.77 18.31
N GLN A 96 -15.15 -19.08 18.12
CA GLN A 96 -16.25 -19.80 18.75
C GLN A 96 -16.20 -19.72 20.32
N GLU A 97 -15.01 -19.77 20.95
CA GLU A 97 -14.86 -19.47 22.39
C GLU A 97 -15.54 -18.13 22.75
N ILE A 98 -15.15 -17.07 22.02
CA ILE A 98 -15.68 -15.74 22.25
C ILE A 98 -17.21 -15.71 22.03
N ALA A 99 -17.66 -16.35 20.95
CA ALA A 99 -19.11 -16.35 20.66
C ALA A 99 -19.87 -17.05 21.83
N THR A 100 -19.39 -18.24 22.20
CA THR A 100 -19.98 -19.09 23.26
C THR A 100 -19.99 -18.33 24.59
N TYR A 101 -18.88 -17.64 24.90
CA TYR A 101 -18.77 -16.78 26.07
C TYR A 101 -19.93 -15.80 26.19
N LEU A 102 -20.22 -15.13 25.09
CA LEU A 102 -21.30 -14.13 25.08
C LEU A 102 -22.69 -14.82 25.05
N LEU A 103 -22.83 -15.87 24.26
CA LEU A 103 -24.12 -16.57 24.12
C LEU A 103 -24.58 -17.18 25.46
N GLU A 104 -23.61 -17.58 26.31
CA GLU A 104 -23.82 -18.03 27.70
C GLU A 104 -24.28 -16.93 28.63
N ARG A 105 -23.96 -15.69 28.29
CA ARG A 105 -24.24 -14.57 29.18
C ARG A 105 -25.34 -13.60 28.74
N THR A 106 -25.98 -13.89 27.61
CA THR A 106 -27.19 -13.17 27.23
C THR A 106 -28.14 -14.20 26.62
N GLU A 107 -29.43 -13.97 26.83
CA GLU A 107 -30.44 -14.78 26.13
C GLU A 107 -30.80 -14.25 24.73
N LEU A 108 -30.37 -13.02 24.44
CA LEU A 108 -30.65 -12.35 23.16
C LEU A 108 -30.00 -13.10 22.02
N ARG A 109 -30.74 -13.29 20.94
CA ARG A 109 -30.24 -13.93 19.74
C ARG A 109 -30.47 -12.96 18.53
N PRO A 110 -29.58 -11.92 18.39
CA PRO A 110 -29.77 -10.92 17.34
C PRO A 110 -29.38 -11.44 15.98
N LYS A 111 -30.01 -10.90 14.94
CA LYS A 111 -29.74 -11.26 13.54
C LYS A 111 -28.95 -10.16 12.85
N VAL A 112 -28.84 -9.02 13.52
CA VAL A 112 -28.22 -7.83 13.02
C VAL A 112 -27.09 -7.39 13.96
N GLY A 113 -25.86 -7.30 13.44
CA GLY A 113 -24.74 -6.60 14.13
C GLY A 113 -24.55 -5.14 13.66
N ILE A 114 -24.24 -4.24 14.59
CA ILE A 114 -24.05 -2.81 14.28
C ILE A 114 -22.68 -2.37 14.84
N ILE A 115 -21.82 -1.83 13.99
CA ILE A 115 -20.58 -1.18 14.49
C ILE A 115 -20.76 0.33 14.50
N CYS A 116 -20.70 0.95 15.68
CA CYS A 116 -20.75 2.43 15.85
C CYS A 116 -19.39 3.15 15.79
N GLY A 117 -19.21 4.07 14.85
CA GLY A 117 -17.94 4.74 14.65
C GLY A 117 -17.83 6.03 15.39
N SER A 118 -16.96 6.93 14.94
CA SER A 118 -16.72 8.19 15.67
C SER A 118 -17.94 9.11 15.66
N GLY A 119 -18.50 9.39 16.84
CA GLY A 119 -19.73 10.18 16.96
C GLY A 119 -21.04 9.43 16.87
N LEU A 120 -20.97 8.11 16.70
CA LEU A 120 -22.15 7.28 16.51
C LEU A 120 -22.49 6.33 17.69
N GLY A 121 -21.70 6.43 18.76
CA GLY A 121 -21.83 5.57 19.93
C GLY A 121 -23.16 5.62 20.66
N THR A 122 -23.84 6.76 20.58
CA THR A 122 -25.18 6.89 21.16
C THR A 122 -26.22 5.97 20.53
N LEU A 123 -25.91 5.36 19.38
CA LEU A 123 -26.82 4.36 18.84
C LEU A 123 -27.06 3.23 19.85
N ALA A 124 -25.99 2.81 20.54
CA ALA A 124 -26.08 1.73 21.55
C ALA A 124 -26.93 2.14 22.77
N GLU A 125 -26.96 3.43 23.08
CA GLU A 125 -27.76 3.97 24.18
C GLU A 125 -29.29 3.97 23.94
N GLN A 126 -29.70 3.75 22.71
CA GLN A 126 -31.13 3.73 22.42
C GLN A 126 -31.69 2.33 22.51
N LEU A 127 -30.83 1.35 22.76
CA LEU A 127 -31.30 -0.03 22.96
C LEU A 127 -32.06 -0.19 24.29
N THR A 128 -32.99 -1.14 24.35
CA THR A 128 -33.70 -1.47 25.59
C THR A 128 -33.41 -2.92 26.02
N ASP A 129 -33.65 -3.22 27.31
CA ASP A 129 -33.40 -4.57 27.84
C ASP A 129 -31.99 -5.05 27.51
N VAL A 130 -30.98 -4.24 27.85
CA VAL A 130 -29.61 -4.52 27.41
C VAL A 130 -28.81 -5.51 28.29
N ASP A 131 -28.02 -6.37 27.63
CA ASP A 131 -26.85 -7.02 28.22
C ASP A 131 -25.61 -6.34 27.64
N SER A 132 -24.82 -5.73 28.51
CA SER A 132 -23.68 -4.94 28.10
C SER A 132 -22.36 -5.59 28.56
N PHE A 133 -21.37 -5.60 27.68
CA PHE A 133 -20.06 -6.18 28.01
C PHE A 133 -18.93 -5.23 27.70
N ASP A 134 -18.24 -4.71 28.72
CA ASP A 134 -17.02 -3.95 28.48
C ASP A 134 -16.06 -4.82 27.69
N TYR A 135 -15.40 -4.23 26.67
CA TYR A 135 -14.41 -4.98 25.86
C TYR A 135 -13.32 -5.62 26.69
N GLU A 136 -12.92 -4.93 27.76
CA GLU A 136 -11.90 -5.42 28.72
C GLU A 136 -12.18 -6.83 29.29
N THR A 137 -13.47 -7.15 29.45
CA THR A 137 -13.93 -8.39 30.05
C THR A 137 -14.18 -9.52 29.07
N ILE A 138 -14.21 -9.22 27.76
CA ILE A 138 -14.47 -10.27 26.78
C ILE A 138 -13.16 -11.02 26.43
N PRO A 139 -13.12 -12.35 26.59
CA PRO A 139 -11.91 -13.07 26.24
C PRO A 139 -11.38 -12.71 24.85
N HIS A 140 -10.09 -12.38 24.80
CA HIS A 140 -9.34 -12.11 23.53
C HIS A 140 -9.75 -10.84 22.81
N PHE A 141 -10.51 -9.98 23.47
CA PHE A 141 -10.99 -8.79 22.80
C PHE A 141 -9.99 -7.61 22.87
N PRO A 142 -9.82 -6.91 21.73
CA PRO A 142 -9.08 -5.65 21.74
C PRO A 142 -9.88 -4.63 22.53
N VAL A 143 -9.22 -3.55 22.90
CA VAL A 143 -9.90 -2.44 23.55
C VAL A 143 -9.85 -1.21 22.65
N SER A 144 -10.87 -0.36 22.78
CA SER A 144 -10.94 0.93 22.04
C SER A 144 -10.10 2.00 22.75
N THR A 145 -9.10 2.58 22.09
CA THR A 145 -8.23 3.59 22.75
C THR A 145 -8.58 5.01 22.28
N VAL A 146 -9.52 5.11 21.35
CA VAL A 146 -9.89 6.39 20.71
C VAL A 146 -10.96 7.16 21.50
N ALA A 147 -10.71 8.45 21.78
CA ALA A 147 -11.73 9.26 22.47
C ALA A 147 -13.11 9.09 21.80
N GLY A 148 -14.18 8.93 22.59
CA GLY A 148 -15.52 8.79 22.01
C GLY A 148 -15.86 7.37 21.56
N HIS A 149 -14.90 6.45 21.59
CA HIS A 149 -15.20 5.02 21.44
C HIS A 149 -15.32 4.42 22.86
N VAL A 150 -16.54 4.27 23.36
CA VAL A 150 -16.76 3.77 24.74
C VAL A 150 -16.14 2.39 25.00
N GLY A 151 -16.30 1.45 24.08
CA GLY A 151 -15.70 0.13 24.25
C GLY A 151 -16.59 -0.88 24.95
N ARG A 152 -17.84 -1.02 24.50
CA ARG A 152 -18.79 -2.04 25.05
C ARG A 152 -19.54 -2.76 23.93
N LEU A 153 -19.74 -4.07 24.09
CA LEU A 153 -20.63 -4.85 23.27
C LEU A 153 -22.03 -4.86 23.94
N VAL A 154 -23.03 -4.32 23.24
CA VAL A 154 -24.36 -4.13 23.82
C VAL A 154 -25.36 -5.01 23.05
N PHE A 155 -25.99 -5.96 23.75
CA PHE A 155 -27.04 -6.79 23.14
C PHE A 155 -28.31 -6.16 23.65
N GLY A 156 -29.21 -5.76 22.78
CA GLY A 156 -30.44 -5.06 23.22
C GLY A 156 -31.45 -5.00 22.10
N TYR A 157 -32.60 -4.40 22.39
CA TYR A 157 -33.70 -4.19 21.44
C TYR A 157 -33.66 -2.79 20.85
N LEU A 158 -33.52 -2.74 19.52
CA LEU A 158 -33.68 -1.46 18.80
C LEU A 158 -35.11 -1.36 18.18
N ALA A 159 -35.96 -0.52 18.79
CA ALA A 159 -37.41 -0.53 18.55
C ALA A 159 -38.02 -1.93 18.47
N GLY A 160 -37.78 -2.76 19.49
CA GLY A 160 -38.29 -4.13 19.50
C GLY A 160 -37.47 -5.16 18.73
N VAL A 161 -36.44 -4.75 17.99
CA VAL A 161 -35.65 -5.74 17.24
C VAL A 161 -34.33 -6.01 17.96
N PRO A 162 -34.04 -7.30 18.27
CA PRO A 162 -32.75 -7.64 18.88
C PRO A 162 -31.56 -7.36 17.95
N VAL A 163 -30.65 -6.55 18.48
CA VAL A 163 -29.38 -6.21 17.80
C VAL A 163 -28.18 -6.49 18.74
N MET A 164 -27.01 -6.59 18.14
CA MET A 164 -25.73 -6.69 18.80
C MET A 164 -24.94 -5.46 18.34
N CYS A 165 -24.54 -4.61 19.26
CA CYS A 165 -24.03 -3.33 18.93
C CYS A 165 -22.60 -3.08 19.50
N MET A 166 -21.62 -2.89 18.60
CA MET A 166 -20.30 -2.42 18.97
C MET A 166 -20.30 -0.95 19.24
N GLN A 167 -20.33 -0.60 20.51
CA GLN A 167 -20.26 0.79 20.88
C GLN A 167 -18.80 1.20 20.99
N GLY A 168 -18.28 1.73 19.87
CA GLY A 168 -16.84 1.94 19.71
C GLY A 168 -16.22 0.83 18.90
N ARG A 169 -15.19 1.15 18.12
CA ARG A 169 -14.51 0.14 17.31
C ARG A 169 -12.97 0.24 17.43
N PHE A 170 -12.28 -0.56 16.61
CA PHE A 170 -10.81 -0.74 16.57
C PHE A 170 -10.28 -0.29 15.21
N HIS A 171 -9.17 0.42 15.23
CA HIS A 171 -8.63 1.01 14.01
C HIS A 171 -7.21 0.57 13.85
N HIS A 172 -6.80 0.46 12.59
CA HIS A 172 -5.46 0.02 12.22
C HIS A 172 -4.35 0.93 12.76
N TYR A 173 -4.59 2.24 12.77
CA TYR A 173 -3.64 3.23 13.35
C TYR A 173 -3.40 3.07 14.89
N GLU A 174 -4.25 2.26 15.54
CA GLU A 174 -4.03 1.89 16.95
C GLU A 174 -2.93 0.83 17.03
N GLY A 175 -2.53 0.25 15.92
CA GLY A 175 -1.59 -0.83 15.99
C GLY A 175 -2.19 -2.21 15.83
N TYR A 176 -3.52 -2.28 15.65
CA TYR A 176 -4.21 -3.57 15.39
C TYR A 176 -4.16 -3.96 13.92
N PRO A 177 -3.69 -5.19 13.62
CA PRO A 177 -3.79 -5.74 12.25
C PRO A 177 -5.25 -5.71 11.78
N LEU A 178 -5.51 -5.64 10.48
CA LEU A 178 -6.91 -5.60 9.97
C LEU A 178 -7.78 -6.79 10.45
N ALA A 179 -7.21 -8.01 10.49
CA ALA A 179 -7.95 -9.22 10.96
C ALA A 179 -8.40 -9.08 12.41
N LYS A 180 -7.60 -8.42 13.22
CA LYS A 180 -7.98 -8.11 14.58
C LYS A 180 -9.08 -7.01 14.66
N CYS A 181 -9.00 -5.96 13.83
CA CYS A 181 -10.09 -4.93 13.78
C CYS A 181 -11.42 -5.56 13.35
N ALA A 182 -11.33 -6.55 12.47
CA ALA A 182 -12.50 -7.15 11.80
C ALA A 182 -13.02 -8.35 12.60
N MET A 183 -12.20 -8.89 13.50
CA MET A 183 -12.57 -10.06 14.34
C MET A 183 -14.01 -10.07 14.95
N PRO A 184 -14.50 -8.93 15.49
CA PRO A 184 -15.87 -8.91 16.01
C PRO A 184 -16.97 -9.22 15.00
N VAL A 185 -16.69 -8.99 13.71
CA VAL A 185 -17.59 -9.45 12.63
C VAL A 185 -17.70 -10.99 12.53
N ARG A 186 -16.60 -11.72 12.73
CA ARG A 186 -16.65 -13.21 12.72
C ARG A 186 -17.44 -13.73 13.91
N VAL A 187 -17.25 -13.09 15.07
CA VAL A 187 -18.04 -13.35 16.27
C VAL A 187 -19.56 -13.10 16.06
N MET A 188 -19.93 -11.92 15.54
CA MET A 188 -21.32 -11.64 15.15
C MET A 188 -21.94 -12.78 14.30
N HIS A 189 -21.22 -13.23 13.29
CA HIS A 189 -21.67 -14.33 12.44
C HIS A 189 -21.88 -15.62 13.27
N LEU A 190 -20.86 -16.00 14.04
CA LEU A 190 -20.93 -17.21 14.85
C LEU A 190 -22.12 -17.18 15.83
N ILE A 191 -22.42 -16.00 16.37
CA ILE A 191 -23.62 -15.77 17.17
C ILE A 191 -24.94 -15.86 16.37
N GLY A 192 -24.89 -15.76 15.04
CA GLY A 192 -26.06 -15.80 14.20
C GLY A 192 -26.50 -14.51 13.52
N CYS A 193 -25.76 -13.40 13.64
CA CYS A 193 -26.05 -12.21 12.80
C CYS A 193 -25.95 -12.54 11.31
N THR A 194 -27.01 -12.17 10.57
CA THR A 194 -27.06 -12.36 9.11
C THR A 194 -26.70 -11.04 8.42
N HIS A 195 -26.84 -9.95 9.15
CA HIS A 195 -26.62 -8.61 8.60
C HIS A 195 -25.58 -7.90 9.41
N LEU A 196 -24.71 -7.16 8.69
CA LEU A 196 -23.86 -6.11 9.28
C LEU A 196 -24.26 -4.70 8.85
N ILE A 197 -24.60 -3.84 9.81
CA ILE A 197 -24.60 -2.40 9.62
C ILE A 197 -23.29 -1.73 10.15
N ALA A 198 -22.45 -1.25 9.23
CA ALA A 198 -21.20 -0.58 9.63
C ALA A 198 -21.37 0.92 9.45
N THR A 199 -21.09 1.69 10.49
CA THR A 199 -21.23 3.14 10.43
C THR A 199 -19.85 3.75 10.69
N ASN A 200 -19.57 4.91 10.11
CA ASN A 200 -18.34 5.58 10.47
C ASN A 200 -18.53 7.07 10.32
N ALA A 201 -17.56 7.84 10.81
CA ALA A 201 -17.37 9.22 10.39
C ALA A 201 -16.45 9.30 9.15
N ALA A 202 -16.63 10.33 8.32
CA ALA A 202 -15.70 10.54 7.17
C ALA A 202 -15.57 12.01 6.79
N GLY A 203 -14.46 12.30 6.10
CA GLY A 203 -14.24 13.62 5.50
C GLY A 203 -14.94 13.60 4.15
N GLY A 204 -15.67 14.68 3.85
CA GLY A 204 -16.33 14.81 2.52
C GLY A 204 -15.29 15.26 1.49
N ALA A 205 -14.91 14.35 0.59
CA ALA A 205 -13.99 14.71 -0.52
C ALA A 205 -14.80 15.25 -1.69
N ASN A 206 -16.05 14.83 -1.79
CA ASN A 206 -16.98 15.37 -2.78
C ASN A 206 -17.41 16.81 -2.35
N PRO A 207 -17.03 17.85 -3.14
CA PRO A 207 -17.36 19.22 -2.64
C PRO A 207 -18.86 19.62 -2.60
N LYS A 208 -19.77 18.76 -3.06
CA LYS A 208 -21.20 19.05 -2.98
C LYS A 208 -21.79 18.55 -1.70
N TYR A 209 -21.05 17.68 -1.00
CA TYR A 209 -21.45 17.22 0.35
C TYR A 209 -21.38 18.37 1.37
N ARG A 210 -22.14 18.24 2.45
CA ARG A 210 -22.16 19.18 3.55
C ARG A 210 -21.91 18.43 4.88
N VAL A 211 -21.28 19.11 5.83
CA VAL A 211 -21.07 18.54 7.16
C VAL A 211 -22.42 18.16 7.73
N GLY A 212 -22.53 16.95 8.28
CA GLY A 212 -23.80 16.50 8.81
C GLY A 212 -24.59 15.63 7.83
N ASP A 213 -24.19 15.59 6.56
CA ASP A 213 -24.82 14.67 5.60
C ASP A 213 -24.47 13.25 6.00
N ILE A 214 -25.35 12.33 5.60
CA ILE A 214 -25.08 10.91 5.66
C ILE A 214 -24.87 10.44 4.23
N MET A 215 -23.70 9.89 3.96
CA MET A 215 -23.44 9.21 2.71
C MET A 215 -23.62 7.72 2.84
N LEU A 216 -24.66 7.16 2.20
CA LEU A 216 -24.71 5.70 1.97
C LEU A 216 -23.46 5.28 1.21
N ILE A 217 -22.87 4.19 1.66
CA ILE A 217 -21.75 3.64 0.96
C ILE A 217 -22.31 2.71 -0.09
N LYS A 218 -22.05 3.07 -1.33
CA LYS A 218 -22.47 2.29 -2.46
C LYS A 218 -21.32 1.35 -2.84
N ASP A 219 -20.09 1.80 -2.59
CA ASP A 219 -18.93 1.04 -2.97
C ASP A 219 -17.72 1.56 -2.22
N HIS A 220 -16.61 0.84 -2.26
CA HIS A 220 -15.39 1.33 -1.69
C HIS A 220 -14.18 1.04 -2.64
N ILE A 221 -13.06 1.69 -2.35
CA ILE A 221 -11.81 1.41 -3.02
C ILE A 221 -10.90 1.02 -1.87
N ASN A 222 -10.45 -0.24 -1.89
CA ASN A 222 -9.64 -0.77 -0.84
C ASN A 222 -8.14 -0.62 -1.19
N LEU A 223 -7.57 0.57 -0.96
CA LEU A 223 -6.17 0.85 -1.22
C LEU A 223 -5.20 0.00 -0.36
N MET A 224 -5.59 -0.28 0.88
CA MET A 224 -4.84 -1.18 1.77
C MET A 224 -4.68 -2.54 1.15
N GLY A 225 -5.80 -3.08 0.66
CA GLY A 225 -5.85 -4.37 -0.01
C GLY A 225 -5.06 -4.47 -1.30
N PHE A 226 -5.09 -3.42 -2.14
CA PHE A 226 -4.20 -3.35 -3.32
C PHE A 226 -2.72 -3.66 -2.94
N ALA A 227 -2.27 -3.15 -1.80
CA ALA A 227 -0.88 -3.23 -1.30
C ALA A 227 -0.59 -4.54 -0.60
N GLY A 228 -1.65 -5.34 -0.39
CA GLY A 228 -1.53 -6.61 0.33
C GLY A 228 -1.97 -6.61 1.78
N ASN A 229 -2.60 -5.54 2.26
CA ASN A 229 -3.02 -5.44 3.65
C ASN A 229 -4.54 -5.73 3.70
N ASN A 230 -4.88 -6.99 3.96
CA ASN A 230 -6.28 -7.49 3.83
C ASN A 230 -6.53 -8.34 5.04
N PRO A 231 -7.72 -8.23 5.69
CA PRO A 231 -8.05 -9.12 6.83
C PRO A 231 -8.09 -10.64 6.49
N LEU A 232 -8.12 -11.01 5.22
CA LEU A 232 -8.25 -12.40 4.89
C LEU A 232 -6.92 -13.04 4.52
N GLN A 233 -5.83 -12.26 4.57
CA GLN A 233 -4.51 -12.83 4.21
C GLN A 233 -4.17 -13.99 5.17
N GLY A 234 -3.60 -15.06 4.63
CA GLY A 234 -3.26 -16.24 5.42
C GLY A 234 -4.19 -17.40 5.11
N PRO A 235 -4.01 -18.56 5.79
CA PRO A 235 -4.87 -19.74 5.53
C PRO A 235 -6.38 -19.41 5.55
N ASN A 236 -7.14 -20.01 4.66
CA ASN A 236 -8.59 -19.79 4.65
C ASN A 236 -9.32 -20.94 5.35
N ASP A 237 -10.21 -20.62 6.29
CA ASP A 237 -11.11 -21.60 6.90
C ASP A 237 -12.49 -21.63 6.23
N GLU A 238 -12.79 -22.74 5.52
CA GLU A 238 -14.02 -22.87 4.72
C GLU A 238 -15.28 -22.84 5.58
N ARG A 239 -15.12 -23.06 6.88
CA ARG A 239 -16.21 -22.90 7.84
C ARG A 239 -16.67 -21.45 7.94
N PHE A 240 -15.79 -20.50 7.62
CA PHE A 240 -16.25 -19.09 7.44
C PHE A 240 -16.69 -18.81 6.02
N GLY A 241 -15.90 -19.18 5.04
CA GLY A 241 -16.23 -18.87 3.65
C GLY A 241 -15.18 -19.36 2.69
N PRO A 242 -15.34 -19.05 1.39
CA PRO A 242 -14.43 -19.52 0.32
C PRO A 242 -13.07 -18.79 0.29
N ARG A 243 -12.09 -19.41 -0.36
CA ARG A 243 -10.80 -18.78 -0.57
C ARG A 243 -10.95 -17.44 -1.30
N PHE A 244 -11.77 -17.45 -2.36
CA PHE A 244 -11.98 -16.32 -3.25
C PHE A 244 -13.45 -16.01 -3.34
N PHE A 245 -13.78 -14.74 -3.58
CA PHE A 245 -15.19 -14.37 -3.81
C PHE A 245 -15.25 -13.00 -4.47
N GLY A 246 -16.41 -12.71 -5.07
CA GLY A 246 -16.61 -11.46 -5.82
C GLY A 246 -17.24 -10.40 -4.95
N MET A 247 -17.04 -9.13 -5.30
CA MET A 247 -17.53 -8.01 -4.46
C MET A 247 -18.86 -7.37 -4.92
N ALA A 248 -19.43 -7.88 -6.01
CA ALA A 248 -20.65 -7.28 -6.56
C ALA A 248 -21.79 -7.26 -5.52
N ASN A 249 -22.44 -6.10 -5.41
CA ASN A 249 -23.54 -5.88 -4.44
C ASN A 249 -23.14 -6.12 -3.00
N THR A 250 -21.87 -5.91 -2.66
CA THR A 250 -21.40 -5.97 -1.27
C THR A 250 -22.20 -5.04 -0.40
N TYR A 251 -22.36 -3.80 -0.85
CA TYR A 251 -23.19 -2.83 -0.14
C TYR A 251 -24.61 -2.97 -0.71
N ASP A 252 -25.52 -3.53 0.08
CA ASP A 252 -26.75 -4.11 -0.48
C ASP A 252 -27.63 -3.07 -1.20
N PRO A 253 -27.83 -3.22 -2.52
CA PRO A 253 -28.63 -2.21 -3.26
C PRO A 253 -30.04 -1.97 -2.70
N LYS A 254 -30.73 -3.02 -2.30
CA LYS A 254 -32.06 -2.91 -1.75
C LYS A 254 -32.11 -2.20 -0.43
N LEU A 255 -31.15 -2.44 0.46
CA LEU A 255 -31.12 -1.70 1.74
C LEU A 255 -30.79 -0.24 1.53
N ASN A 256 -29.86 0.03 0.60
CA ASN A 256 -29.56 1.41 0.20
C ASN A 256 -30.82 2.13 -0.36
N GLN A 257 -31.59 1.44 -1.19
CA GLN A 257 -32.90 1.95 -1.67
C GLN A 257 -33.88 2.25 -0.50
N GLN A 258 -33.98 1.35 0.47
CA GLN A 258 -34.90 1.59 1.62
C GLN A 258 -34.48 2.81 2.46
N ALA A 259 -33.17 2.96 2.67
CA ALA A 259 -32.56 4.16 3.29
C ALA A 259 -32.97 5.48 2.63
N LYS A 260 -33.06 5.47 1.31
CA LYS A 260 -33.50 6.67 0.60
C LYS A 260 -34.99 6.97 0.87
N VAL A 261 -35.79 5.92 1.00
CA VAL A 261 -37.19 6.02 1.37
C VAL A 261 -37.37 6.50 2.82
N ILE A 262 -36.60 5.92 3.76
CA ILE A 262 -36.56 6.37 5.13
C ILE A 262 -36.09 7.82 5.22
N ALA A 263 -35.06 8.20 4.45
CA ALA A 263 -34.56 9.58 4.50
C ALA A 263 -35.69 10.55 4.28
N ARG A 264 -36.52 10.30 3.25
CA ARG A 264 -37.65 11.20 3.02
C ARG A 264 -38.75 11.12 4.13
N GLN A 265 -39.06 9.91 4.62
CA GLN A 265 -40.01 9.76 5.76
C GLN A 265 -39.63 10.59 6.98
N ILE A 266 -38.33 10.72 7.28
CA ILE A 266 -37.89 11.41 8.50
C ILE A 266 -37.36 12.82 8.24
N GLY A 267 -37.47 13.28 7.00
CA GLY A 267 -37.19 14.68 6.71
C GLY A 267 -35.74 15.01 6.45
N ILE A 268 -34.91 14.02 6.15
CA ILE A 268 -33.47 14.27 5.91
C ILE A 268 -32.97 14.00 4.46
N GLU A 269 -33.88 13.97 3.49
CA GLU A 269 -33.54 13.64 2.12
C GLU A 269 -32.46 14.50 1.49
N ASN A 270 -32.46 15.79 1.80
CA ASN A 270 -31.43 16.71 1.25
C ASN A 270 -30.04 16.51 1.85
N GLU A 271 -30.01 15.81 2.98
CA GLU A 271 -28.80 15.57 3.73
C GLU A 271 -28.39 14.12 3.51
N LEU A 272 -28.99 13.44 2.54
CA LEU A 272 -28.61 12.08 2.20
C LEU A 272 -27.83 12.04 0.88
N ARG A 273 -26.65 11.42 0.91
CA ARG A 273 -25.84 11.24 -0.26
C ARG A 273 -25.66 9.75 -0.47
N GLU A 274 -24.98 9.42 -1.55
CA GLU A 274 -24.62 8.04 -1.85
C GLU A 274 -23.33 8.05 -2.65
N GLY A 275 -22.31 7.32 -2.22
CA GLY A 275 -21.08 7.33 -2.99
C GLY A 275 -20.05 6.40 -2.45
N VAL A 276 -18.79 6.69 -2.78
CA VAL A 276 -17.69 5.75 -2.65
C VAL A 276 -16.83 6.14 -1.46
N TYR A 277 -16.50 5.12 -0.61
CA TYR A 277 -15.77 5.38 0.65
C TYR A 277 -14.39 4.78 0.51
N THR A 278 -13.35 5.37 1.11
CA THR A 278 -12.08 4.65 1.14
C THR A 278 -11.55 4.68 2.60
N CYS A 279 -10.80 3.65 2.98
CA CYS A 279 -10.19 3.50 4.29
C CYS A 279 -8.67 3.73 4.20
N LEU A 280 -8.19 4.85 4.74
CA LEU A 280 -6.75 5.14 4.76
C LEU A 280 -6.16 4.73 6.13
N GLY A 281 -4.85 4.51 6.22
CA GLY A 281 -4.23 4.17 7.50
C GLY A 281 -4.36 5.23 8.61
N GLY A 282 -4.21 6.52 8.27
CA GLY A 282 -4.14 7.58 9.29
C GLY A 282 -2.87 7.39 10.10
N PRO A 283 -2.80 7.97 11.31
CA PRO A 283 -3.82 8.76 12.01
C PRO A 283 -3.91 10.21 11.59
N ASN A 284 -2.90 10.70 10.87
CA ASN A 284 -2.99 12.08 10.34
C ASN A 284 -4.11 12.18 9.28
N PHE A 285 -4.69 13.36 9.13
CA PHE A 285 -5.68 13.58 8.06
C PHE A 285 -4.91 13.86 6.75
N GLU A 286 -5.63 13.97 5.65
CA GLU A 286 -5.04 14.01 4.31
C GLU A 286 -4.51 15.40 3.87
N THR A 287 -3.46 15.39 3.06
CA THR A 287 -2.97 16.59 2.40
C THR A 287 -3.94 17.04 1.25
N VAL A 288 -3.73 18.26 0.77
CA VAL A 288 -4.52 18.81 -0.31
C VAL A 288 -4.29 17.95 -1.55
N ALA A 289 -3.02 17.61 -1.84
CA ALA A 289 -2.67 16.81 -2.99
C ALA A 289 -3.29 15.39 -2.93
N GLU A 290 -3.28 14.76 -1.75
CA GLU A 290 -3.95 13.45 -1.52
C GLU A 290 -5.48 13.52 -1.75
N VAL A 291 -6.14 14.56 -1.21
CA VAL A 291 -7.57 14.70 -1.39
C VAL A 291 -7.89 14.83 -2.88
N LYS A 292 -7.07 15.58 -3.61
CA LYS A 292 -7.24 15.76 -5.08
C LYS A 292 -7.09 14.46 -5.83
N MET A 293 -6.03 13.73 -5.51
CA MET A 293 -5.83 12.43 -6.14
C MET A 293 -7.01 11.47 -5.81
N LEU A 294 -7.45 11.43 -4.54
CA LEU A 294 -8.52 10.49 -4.17
C LEU A 294 -9.88 10.81 -4.86
N SER A 295 -10.27 12.08 -4.89
CA SER A 295 -11.41 12.55 -5.71
C SER A 295 -11.34 12.10 -7.17
N MET A 296 -10.18 12.31 -7.78
CA MET A 296 -9.96 11.99 -9.18
C MET A 296 -10.22 10.51 -9.43
N LEU A 297 -9.86 9.67 -8.47
CA LEU A 297 -10.03 8.27 -8.58
C LEU A 297 -11.47 7.80 -8.26
N GLY A 298 -12.35 8.73 -7.85
CA GLY A 298 -13.78 8.45 -7.63
C GLY A 298 -14.21 8.34 -6.16
N VAL A 299 -13.34 8.71 -5.22
CA VAL A 299 -13.68 8.67 -3.79
C VAL A 299 -14.50 9.89 -3.37
N ASP A 300 -15.65 9.64 -2.72
CA ASP A 300 -16.46 10.73 -2.17
C ASP A 300 -16.24 11.01 -0.71
N ALA A 301 -15.88 9.97 0.05
CA ALA A 301 -15.78 10.08 1.52
C ALA A 301 -14.51 9.36 1.98
N ILE A 302 -13.72 10.04 2.81
CA ILE A 302 -12.44 9.50 3.24
C ILE A 302 -12.47 9.20 4.74
N GLY A 303 -12.12 7.96 5.09
CA GLY A 303 -12.15 7.55 6.46
C GLY A 303 -10.99 6.67 6.81
N MET A 304 -11.08 5.96 7.95
CA MET A 304 -10.00 5.07 8.42
C MET A 304 -10.49 3.75 9.01
N SER A 305 -11.62 3.20 8.54
CA SER A 305 -12.15 1.97 9.16
C SER A 305 -13.04 1.23 8.18
N THR A 306 -13.85 0.27 8.67
CA THR A 306 -15.06 -0.21 7.90
C THR A 306 -14.80 -1.19 6.76
N VAL A 307 -13.89 -0.84 5.86
CA VAL A 307 -13.71 -1.59 4.59
C VAL A 307 -13.42 -3.10 4.88
N HIS A 308 -12.48 -3.34 5.80
CA HIS A 308 -12.03 -4.69 6.23
C HIS A 308 -13.07 -5.40 7.07
N GLU A 309 -13.85 -4.66 7.84
CA GLU A 309 -15.05 -5.22 8.49
C GLU A 309 -16.10 -5.76 7.47
N ILE A 310 -16.42 -4.92 6.49
CA ILE A 310 -17.26 -5.31 5.36
C ILE A 310 -16.73 -6.51 4.59
N ILE A 311 -15.44 -6.56 4.30
CA ILE A 311 -14.86 -7.68 3.56
C ILE A 311 -14.97 -9.00 4.35
N THR A 312 -14.71 -8.91 5.65
CA THR A 312 -14.92 -10.05 6.55
C THR A 312 -16.39 -10.49 6.60
N ALA A 313 -17.32 -9.55 6.65
CA ALA A 313 -18.74 -9.84 6.64
C ALA A 313 -19.15 -10.58 5.37
N ARG A 314 -18.68 -10.10 4.23
CA ARG A 314 -19.03 -10.67 2.91
C ARG A 314 -18.46 -12.05 2.82
N HIS A 315 -17.24 -12.23 3.32
CA HIS A 315 -16.59 -13.54 3.38
C HIS A 315 -17.45 -14.61 4.03
N CYS A 316 -18.01 -14.30 5.20
CA CYS A 316 -18.98 -15.07 5.99
C CYS A 316 -20.36 -15.25 5.36
N GLY A 317 -20.66 -14.54 4.26
CA GLY A 317 -21.97 -14.58 3.60
C GLY A 317 -22.98 -13.62 4.21
N MET A 318 -22.53 -12.65 5.02
CA MET A 318 -23.46 -11.66 5.63
C MET A 318 -23.93 -10.58 4.64
N THR A 319 -25.16 -10.08 4.83
CA THR A 319 -25.66 -8.92 4.06
C THR A 319 -25.19 -7.65 4.76
N CYS A 320 -24.70 -6.68 3.97
CA CYS A 320 -24.08 -5.47 4.50
C CYS A 320 -24.76 -4.19 4.05
N PHE A 321 -24.90 -3.27 5.01
CA PHE A 321 -25.38 -1.94 4.81
C PHE A 321 -24.38 -1.05 5.55
N ALA A 322 -23.99 0.06 4.96
CA ALA A 322 -23.04 0.96 5.61
C ALA A 322 -23.24 2.41 5.21
N PHE A 323 -22.96 3.33 6.13
CA PHE A 323 -22.93 4.76 5.82
C PHE A 323 -21.85 5.51 6.56
N SER A 324 -21.46 6.66 5.98
CA SER A 324 -20.57 7.64 6.58
C SER A 324 -21.39 8.88 6.99
N LEU A 325 -21.22 9.31 8.24
CA LEU A 325 -21.58 10.67 8.61
C LEU A 325 -20.40 11.58 8.20
N ILE A 326 -20.69 12.60 7.36
CA ILE A 326 -19.70 13.54 6.89
C ILE A 326 -19.47 14.54 8.02
N THR A 327 -18.29 14.52 8.64
CA THR A 327 -18.10 15.22 9.92
C THR A 327 -17.29 16.48 9.69
N ASN A 328 -16.80 16.63 8.47
CA ASN A 328 -15.90 17.68 8.12
C ASN A 328 -15.69 17.55 6.65
N MET A 329 -15.41 18.69 6.02
CA MET A 329 -15.07 18.72 4.62
C MET A 329 -13.58 18.51 4.53
N CYS A 330 -13.15 17.72 3.54
CA CYS A 330 -11.71 17.57 3.28
C CYS A 330 -11.17 18.92 2.82
N THR A 331 -9.92 19.23 3.18
CA THR A 331 -9.25 20.44 2.70
C THR A 331 -8.94 20.38 1.20
N MET A 332 -9.48 21.33 0.46
CA MET A 332 -9.36 21.24 -0.99
C MET A 332 -8.51 22.33 -1.68
N SER A 333 -7.85 23.15 -0.87
CA SER A 333 -7.14 24.29 -1.35
C SER A 333 -6.02 24.66 -0.37
N TYR A 334 -4.91 25.19 -0.89
CA TYR A 334 -3.78 25.66 -0.08
C TYR A 334 -4.13 26.97 0.63
N GLU A 335 -5.24 27.58 0.23
CA GLU A 335 -5.71 28.84 0.82
C GLU A 335 -6.77 28.71 1.93
N GLU A 336 -7.48 27.59 2.01
CA GLU A 336 -8.50 27.54 3.05
C GLU A 336 -7.93 27.40 4.46
N GLU A 337 -8.77 27.71 5.45
CA GLU A 337 -8.40 27.46 6.83
C GLU A 337 -8.83 26.04 7.16
N GLU A 338 -7.91 25.26 7.72
CA GLU A 338 -8.19 23.89 8.10
C GLU A 338 -8.36 23.82 9.60
N GLU A 339 -9.49 23.26 10.02
CA GLU A 339 -9.79 23.07 11.42
C GLU A 339 -10.31 21.64 11.65
N HIS A 340 -9.52 20.63 11.26
CA HIS A 340 -9.88 19.24 11.52
C HIS A 340 -9.63 18.99 12.99
N CYS A 341 -10.67 18.60 13.72
CA CYS A 341 -10.57 18.38 15.17
C CYS A 341 -11.42 17.16 15.58
N HIS A 342 -10.76 16.17 16.20
CA HIS A 342 -11.47 14.96 16.61
C HIS A 342 -12.68 15.20 17.51
N ASP A 343 -12.53 16.09 18.50
CA ASP A 343 -13.62 16.48 19.38
C ASP A 343 -14.82 17.05 18.60
N SER A 344 -14.57 17.96 17.66
CA SER A 344 -15.64 18.49 16.77
C SER A 344 -16.31 17.39 15.92
N ILE A 345 -15.50 16.48 15.42
CA ILE A 345 -15.93 15.38 14.58
C ILE A 345 -16.91 14.48 15.31
N VAL A 346 -16.55 14.12 16.56
CA VAL A 346 -17.40 13.32 17.40
C VAL A 346 -18.65 14.14 17.72
N GLY A 347 -18.48 15.45 17.97
CA GLY A 347 -19.61 16.37 18.18
C GLY A 347 -20.69 16.44 17.10
N VAL A 348 -20.30 16.26 15.85
CA VAL A 348 -21.25 16.31 14.73
C VAL A 348 -22.30 15.16 14.87
N GLY A 349 -21.84 13.97 15.20
CA GLY A 349 -22.72 12.84 15.49
C GLY A 349 -23.57 12.95 16.75
N LYS A 350 -22.96 13.42 17.85
CA LYS A 350 -23.65 13.69 19.12
C LYS A 350 -24.78 14.67 18.89
N ASN A 351 -24.50 15.71 18.11
CA ASN A 351 -25.52 16.68 17.75
C ASN A 351 -26.66 16.13 16.84
N ARG A 352 -26.50 14.90 16.34
CA ARG A 352 -27.49 14.24 15.47
C ARG A 352 -27.99 12.89 15.97
N GLU A 353 -27.89 12.66 17.26
CA GLU A 353 -28.18 11.33 17.80
C GLU A 353 -29.64 10.88 17.61
N LYS A 354 -30.57 11.82 17.69
CA LYS A 354 -31.99 11.51 17.53
C LYS A 354 -32.21 10.99 16.09
N THR A 355 -31.80 11.80 15.11
CA THR A 355 -31.89 11.44 13.69
C THR A 355 -31.18 10.11 13.31
N LEU A 356 -29.91 10.00 13.71
CA LEU A 356 -29.13 8.80 13.47
C LEU A 356 -29.83 7.57 14.03
N GLY A 357 -30.41 7.69 15.22
CA GLY A 357 -31.09 6.55 15.87
C GLY A 357 -32.36 6.14 15.16
N GLU A 358 -33.17 7.13 14.81
CA GLU A 358 -34.39 6.92 14.03
C GLU A 358 -34.09 6.27 12.69
N PHE A 359 -33.08 6.81 12.00
CA PHE A 359 -32.60 6.27 10.68
C PHE A 359 -32.17 4.83 10.79
N VAL A 360 -31.26 4.55 11.71
CA VAL A 360 -30.79 3.18 11.89
C VAL A 360 -31.89 2.19 12.34
N SER A 361 -32.73 2.68 13.23
CA SER A 361 -33.87 1.93 13.76
C SER A 361 -34.88 1.52 12.68
N ARG A 362 -35.17 2.43 11.74
CA ARG A 362 -35.97 2.09 10.56
C ARG A 362 -35.33 1.11 9.57
N ILE A 363 -34.01 1.17 9.35
CA ILE A 363 -33.30 0.12 8.58
C ILE A 363 -33.39 -1.27 9.20
N VAL A 364 -33.13 -1.36 10.50
CA VAL A 364 -33.20 -2.64 11.21
C VAL A 364 -34.64 -3.20 11.15
N LYS A 365 -35.61 -2.29 11.33
CA LYS A 365 -37.02 -2.67 11.22
C LYS A 365 -37.35 -3.23 9.82
N HIS A 366 -36.79 -2.66 8.77
CA HIS A 366 -36.94 -3.20 7.44
C HIS A 366 -36.31 -4.63 7.26
N ILE A 367 -35.06 -4.79 7.74
CA ILE A 367 -34.39 -6.09 7.71
C ILE A 367 -35.25 -7.13 8.45
N HIS A 368 -35.82 -6.74 9.59
CA HIS A 368 -36.59 -7.63 10.42
C HIS A 368 -37.91 -8.09 9.76
N TYR A 369 -38.74 -7.14 9.33
CA TYR A 369 -39.94 -7.40 8.50
C TYR A 369 -39.68 -8.26 7.25
N GLU A 370 -38.72 -7.87 6.40
CA GLU A 370 -38.39 -8.64 5.18
C GLU A 370 -37.98 -10.08 5.42
N ALA A 371 -37.38 -10.35 6.59
CA ALA A 371 -36.99 -11.71 6.93
C ALA A 371 -38.21 -12.47 7.46
N TYR B 90 15.67 -15.83 3.72
CA TYR B 90 16.46 -16.53 2.66
C TYR B 90 17.84 -15.87 2.33
N THR B 91 18.93 -16.50 2.77
CA THR B 91 20.28 -16.05 2.41
C THR B 91 20.69 -16.62 1.07
N TYR B 92 21.69 -15.98 0.45
CA TYR B 92 22.36 -16.55 -0.73
C TYR B 92 22.82 -17.99 -0.50
N ASP B 93 23.33 -18.30 0.70
CA ASP B 93 23.80 -19.64 1.05
C ASP B 93 22.66 -20.64 1.12
N THR B 94 21.56 -20.31 1.77
CA THR B 94 20.41 -21.21 1.76
C THR B 94 19.90 -21.48 0.33
N LEU B 95 19.83 -20.44 -0.49
CA LEU B 95 19.28 -20.56 -1.84
C LEU B 95 20.20 -21.44 -2.73
N GLN B 96 21.50 -21.23 -2.58
CA GLN B 96 22.51 -22.05 -3.24
C GLN B 96 22.41 -23.52 -2.81
N GLU B 97 22.14 -23.75 -1.54
CA GLU B 97 21.82 -25.07 -1.03
C GLU B 97 20.61 -25.72 -1.67
N ILE B 98 19.56 -24.96 -1.92
CA ILE B 98 18.39 -25.49 -2.65
C ILE B 98 18.78 -25.81 -4.09
N ALA B 99 19.48 -24.89 -4.73
CA ALA B 99 19.94 -25.09 -6.09
C ALA B 99 20.82 -26.34 -6.19
N THR B 100 21.81 -26.47 -5.28
CA THR B 100 22.67 -27.66 -5.25
C THR B 100 21.89 -28.98 -5.03
N TYR B 101 20.95 -29.01 -4.07
CA TYR B 101 20.08 -30.13 -3.82
C TYR B 101 19.38 -30.58 -5.09
N LEU B 102 18.93 -29.65 -5.93
CA LEU B 102 18.19 -30.03 -7.13
C LEU B 102 19.10 -30.49 -8.27
N LEU B 103 20.19 -29.75 -8.46
CA LEU B 103 21.16 -30.06 -9.50
C LEU B 103 21.86 -31.43 -9.32
N GLU B 104 21.95 -31.89 -8.06
CA GLU B 104 22.44 -33.23 -7.71
C GLU B 104 21.41 -34.35 -7.96
N ARG B 105 20.17 -33.98 -8.21
CA ARG B 105 19.10 -34.95 -8.43
C ARG B 105 18.50 -34.86 -9.84
N THR B 106 19.10 -34.02 -10.69
CA THR B 106 18.77 -33.97 -12.12
C THR B 106 20.00 -33.78 -13.01
N GLU B 107 19.97 -34.40 -14.17
CA GLU B 107 21.02 -34.20 -15.13
C GLU B 107 20.79 -32.96 -15.98
N LEU B 108 19.55 -32.55 -16.05
CA LEU B 108 19.11 -31.36 -16.84
C LEU B 108 19.71 -30.05 -16.35
N ARG B 109 20.20 -29.27 -17.29
CA ARG B 109 20.67 -27.92 -17.01
C ARG B 109 19.90 -26.88 -17.88
N PRO B 110 18.66 -26.52 -17.43
CA PRO B 110 17.79 -25.64 -18.22
C PRO B 110 18.26 -24.20 -18.19
N LYS B 111 18.03 -23.47 -19.28
CA LYS B 111 18.34 -22.05 -19.33
C LYS B 111 17.06 -21.17 -19.14
N VAL B 112 15.89 -21.80 -18.96
CA VAL B 112 14.60 -21.11 -18.90
C VAL B 112 13.81 -21.63 -17.72
N GLY B 113 13.41 -20.71 -16.84
CA GLY B 113 12.44 -21.07 -15.82
C GLY B 113 11.06 -20.62 -16.28
N ILE B 114 10.04 -21.43 -15.99
CA ILE B 114 8.67 -21.11 -16.35
C ILE B 114 7.81 -21.20 -15.09
N ILE B 115 6.95 -20.22 -14.87
CA ILE B 115 6.05 -20.29 -13.73
C ILE B 115 4.64 -20.33 -14.24
N CYS B 116 3.91 -21.40 -13.91
CA CYS B 116 2.51 -21.65 -14.33
C CYS B 116 1.51 -21.20 -13.29
N GLY B 117 0.62 -20.31 -13.71
CA GLY B 117 -0.43 -19.77 -12.83
C GLY B 117 -1.71 -20.54 -12.92
N SER B 118 -2.81 -19.93 -12.50
CA SER B 118 -4.09 -20.62 -12.40
C SER B 118 -4.59 -21.01 -13.79
N GLY B 119 -4.84 -22.32 -13.99
CA GLY B 119 -5.24 -22.90 -15.30
C GLY B 119 -4.12 -23.08 -16.31
N LEU B 120 -2.87 -22.86 -15.91
CA LEU B 120 -1.70 -23.01 -16.80
C LEU B 120 -0.81 -24.17 -16.36
N GLY B 121 -1.23 -24.88 -15.30
CA GLY B 121 -0.51 -26.05 -14.78
C GLY B 121 -0.28 -27.18 -15.78
N THR B 122 -1.04 -27.24 -16.87
CA THR B 122 -0.80 -28.26 -17.90
C THR B 122 0.47 -28.05 -18.75
N LEU B 123 1.06 -26.85 -18.71
CA LEU B 123 2.34 -26.61 -19.37
C LEU B 123 3.37 -27.66 -18.91
N ALA B 124 3.37 -27.96 -17.60
CA ALA B 124 4.31 -28.91 -17.00
C ALA B 124 4.07 -30.35 -17.48
N GLU B 125 2.82 -30.69 -17.71
CA GLU B 125 2.47 -31.97 -18.25
C GLU B 125 2.87 -32.33 -19.69
N GLN B 126 3.32 -31.34 -20.46
CA GLN B 126 3.74 -31.50 -21.84
C GLN B 126 5.28 -31.69 -21.99
N LEU B 127 6.00 -31.61 -20.87
CA LEU B 127 7.44 -31.85 -20.88
C LEU B 127 7.75 -33.34 -20.99
N THR B 128 8.87 -33.66 -21.62
CA THR B 128 9.29 -35.08 -21.74
C THR B 128 10.53 -35.41 -20.86
N ASP B 129 10.75 -36.70 -20.55
CA ASP B 129 11.98 -37.13 -19.85
C ASP B 129 12.20 -36.29 -18.54
N VAL B 130 11.20 -36.32 -17.66
CA VAL B 130 11.13 -35.38 -16.55
C VAL B 130 11.65 -35.86 -15.19
N ASP B 131 12.36 -34.96 -14.51
CA ASP B 131 12.62 -35.07 -13.06
C ASP B 131 11.70 -34.11 -12.35
N SER B 132 10.82 -34.67 -11.52
CA SER B 132 9.77 -33.95 -10.88
C SER B 132 9.93 -33.96 -9.36
N PHE B 133 9.79 -32.79 -8.74
CA PHE B 133 9.98 -32.63 -7.31
C PHE B 133 8.75 -31.96 -6.67
N ASP B 134 8.03 -32.66 -5.80
CA ASP B 134 6.98 -32.03 -5.01
C ASP B 134 7.57 -30.96 -4.11
N TYR B 135 6.88 -29.83 -3.96
CA TYR B 135 7.39 -28.70 -3.19
C TYR B 135 7.70 -29.08 -1.73
N GLU B 136 6.80 -29.87 -1.14
CA GLU B 136 6.92 -30.59 0.17
C GLU B 136 8.28 -31.24 0.45
N THR B 137 8.96 -31.66 -0.61
CA THR B 137 10.18 -32.44 -0.52
C THR B 137 11.44 -31.61 -0.81
N ILE B 138 11.29 -30.38 -1.33
CA ILE B 138 12.49 -29.55 -1.54
C ILE B 138 12.77 -28.78 -0.24
N PRO B 139 14.04 -28.77 0.21
CA PRO B 139 14.36 -28.05 1.46
C PRO B 139 13.95 -26.60 1.40
N HIS B 140 13.27 -26.13 2.45
CA HIS B 140 12.96 -24.70 2.65
C HIS B 140 11.90 -24.15 1.70
N PHE B 141 11.31 -25.01 0.87
CA PHE B 141 10.39 -24.59 -0.16
C PHE B 141 8.98 -24.33 0.43
N PRO B 142 8.30 -23.28 -0.06
CA PRO B 142 6.89 -23.08 0.33
C PRO B 142 5.97 -24.16 -0.33
N VAL B 143 4.71 -24.25 0.08
CA VAL B 143 3.77 -25.16 -0.59
C VAL B 143 2.55 -24.41 -1.20
N SER B 144 2.06 -24.93 -2.31
CA SER B 144 0.90 -24.35 -2.96
C SER B 144 -0.33 -24.74 -2.18
N THR B 145 -1.12 -23.78 -1.70
CA THR B 145 -2.35 -24.14 -1.05
C THR B 145 -3.57 -23.87 -1.94
N VAL B 146 -3.33 -23.34 -3.13
CA VAL B 146 -4.44 -22.88 -3.95
C VAL B 146 -4.86 -23.99 -4.92
N ALA B 147 -6.17 -24.24 -5.01
CA ALA B 147 -6.73 -25.21 -5.98
C ALA B 147 -6.24 -24.97 -7.40
N GLY B 148 -5.83 -26.03 -8.07
CA GLY B 148 -5.35 -25.94 -9.44
C GLY B 148 -3.88 -25.64 -9.45
N HIS B 149 -3.30 -25.47 -8.25
CA HIS B 149 -1.85 -25.29 -8.13
C HIS B 149 -1.29 -26.60 -7.57
N VAL B 150 -0.78 -27.44 -8.46
CA VAL B 150 -0.36 -28.82 -8.12
C VAL B 150 0.75 -28.83 -7.03
N GLY B 151 1.79 -28.02 -7.23
CA GLY B 151 2.84 -27.89 -6.23
C GLY B 151 4.03 -28.79 -6.50
N ARG B 152 4.60 -28.66 -7.69
CA ARG B 152 5.78 -29.39 -8.01
C ARG B 152 6.69 -28.70 -9.03
N LEU B 153 7.98 -29.01 -8.90
CA LEU B 153 9.00 -28.44 -9.73
C LEU B 153 9.38 -29.49 -10.74
N VAL B 154 9.12 -29.20 -12.01
CA VAL B 154 9.34 -30.15 -13.07
C VAL B 154 10.47 -29.70 -13.97
N PHE B 155 11.57 -30.45 -13.96
CA PHE B 155 12.61 -30.28 -14.99
C PHE B 155 12.29 -31.24 -16.15
N GLY B 156 12.50 -30.84 -17.41
CA GLY B 156 12.06 -31.67 -18.52
C GLY B 156 12.33 -30.98 -19.83
N TYR B 157 11.97 -31.62 -20.94
CA TYR B 157 12.22 -31.02 -22.25
C TYR B 157 10.89 -30.55 -22.80
N LEU B 158 10.88 -29.33 -23.31
CA LEU B 158 9.70 -28.78 -23.96
C LEU B 158 10.07 -28.60 -25.41
N ALA B 159 9.47 -29.44 -26.26
CA ALA B 159 9.92 -29.63 -27.66
C ALA B 159 11.47 -29.72 -27.77
N GLY B 160 12.07 -30.55 -26.91
CA GLY B 160 13.51 -30.77 -26.95
C GLY B 160 14.39 -29.74 -26.25
N VAL B 161 13.82 -28.70 -25.66
CA VAL B 161 14.61 -27.67 -24.98
C VAL B 161 14.49 -27.90 -23.49
N PRO B 162 15.64 -27.99 -22.78
CA PRO B 162 15.53 -28.18 -21.32
C PRO B 162 14.94 -26.92 -20.58
N VAL B 163 13.94 -27.17 -19.76
CA VAL B 163 13.29 -26.12 -19.00
C VAL B 163 13.10 -26.59 -17.57
N MET B 164 12.93 -25.65 -16.63
CA MET B 164 12.38 -25.98 -15.31
C MET B 164 11.07 -25.26 -15.08
N CYS B 165 10.14 -25.99 -14.52
CA CYS B 165 8.78 -25.54 -14.51
C CYS B 165 8.17 -25.58 -13.12
N MET B 166 7.76 -24.40 -12.62
CA MET B 166 6.93 -24.32 -11.42
C MET B 166 5.48 -24.61 -11.78
N GLN B 167 5.05 -25.81 -11.45
CA GLN B 167 3.67 -26.19 -11.65
C GLN B 167 2.89 -25.83 -10.39
N GLY B 168 2.25 -24.65 -10.43
CA GLY B 168 1.69 -24.01 -9.23
C GLY B 168 2.67 -22.99 -8.64
N ARG B 169 2.14 -21.93 -8.03
CA ARG B 169 3.00 -20.86 -7.53
C ARG B 169 2.52 -20.51 -6.16
N PHE B 170 3.10 -19.44 -5.57
CA PHE B 170 2.82 -19.00 -4.19
C PHE B 170 2.24 -17.60 -4.25
N HIS B 171 1.18 -17.37 -3.50
CA HIS B 171 0.50 -16.07 -3.58
C HIS B 171 0.58 -15.41 -2.21
N HIS B 172 0.71 -14.08 -2.27
CA HIS B 172 0.79 -13.25 -1.11
C HIS B 172 -0.43 -13.40 -0.20
N TYR B 173 -1.62 -13.59 -0.78
CA TYR B 173 -2.86 -13.78 0.02
C TYR B 173 -2.86 -15.09 0.84
N GLU B 174 -2.01 -16.04 0.44
CA GLU B 174 -1.79 -17.30 1.18
C GLU B 174 -1.03 -17.07 2.49
N GLY B 175 -0.46 -15.86 2.64
CA GLY B 175 0.30 -15.50 3.82
C GLY B 175 1.81 -15.48 3.62
N TYR B 176 2.29 -15.70 2.40
CA TYR B 176 3.74 -15.65 2.14
C TYR B 176 4.19 -14.23 1.82
N PRO B 177 5.23 -13.76 2.51
CA PRO B 177 5.86 -12.51 2.09
C PRO B 177 6.26 -12.57 0.62
N LEU B 178 6.30 -11.42 -0.03
CA LEU B 178 6.67 -11.38 -1.44
C LEU B 178 8.04 -12.01 -1.75
N ALA B 179 9.03 -11.84 -0.86
CA ALA B 179 10.34 -12.49 -1.01
C ALA B 179 10.24 -13.99 -0.96
N LYS B 180 9.35 -14.51 -0.11
CA LYS B 180 9.12 -15.97 -0.09
C LYS B 180 8.43 -16.50 -1.39
N CYS B 181 7.40 -15.79 -1.89
CA CYS B 181 6.76 -16.09 -3.17
C CYS B 181 7.76 -16.11 -4.32
N ALA B 182 8.71 -15.18 -4.28
CA ALA B 182 9.65 -14.97 -5.40
C ALA B 182 10.98 -15.78 -5.26
N MET B 183 11.22 -16.36 -4.10
CA MET B 183 12.45 -17.13 -3.88
C MET B 183 12.77 -18.17 -5.01
N PRO B 184 11.76 -18.92 -5.54
CA PRO B 184 12.12 -19.83 -6.66
C PRO B 184 12.86 -19.20 -7.84
N VAL B 185 12.56 -17.92 -8.13
CA VAL B 185 13.32 -17.18 -9.15
C VAL B 185 14.83 -17.13 -8.83
N ARG B 186 15.18 -16.96 -7.56
CA ARG B 186 16.60 -16.94 -7.20
C ARG B 186 17.22 -18.33 -7.39
N VAL B 187 16.46 -19.35 -7.03
CA VAL B 187 16.85 -20.75 -7.32
C VAL B 187 17.07 -21.04 -8.83
N MET B 188 16.09 -20.70 -9.68
CA MET B 188 16.28 -20.72 -11.14
C MET B 188 17.56 -20.04 -11.57
N HIS B 189 17.80 -18.83 -11.07
CA HIS B 189 19.03 -18.11 -11.44
C HIS B 189 20.31 -18.89 -11.03
N LEU B 190 20.35 -19.37 -9.80
CA LEU B 190 21.54 -20.09 -9.35
C LEU B 190 21.71 -21.39 -10.13
N ILE B 191 20.59 -21.98 -10.56
CA ILE B 191 20.62 -23.18 -11.42
C ILE B 191 21.21 -22.91 -12.82
N GLY B 192 21.13 -21.65 -13.26
CA GLY B 192 21.64 -21.24 -14.56
C GLY B 192 20.57 -20.75 -15.52
N CYS B 193 19.34 -20.53 -15.04
CA CYS B 193 18.31 -19.93 -15.93
C CYS B 193 18.69 -18.47 -16.28
N THR B 194 18.76 -18.17 -17.57
CA THR B 194 19.00 -16.80 -17.98
C THR B 194 17.65 -16.09 -18.30
N HIS B 195 16.56 -16.84 -18.30
CA HIS B 195 15.24 -16.37 -18.78
C HIS B 195 14.19 -16.80 -17.83
N LEU B 196 13.24 -15.89 -17.56
CA LEU B 196 12.06 -16.24 -16.81
C LEU B 196 10.86 -16.02 -17.71
N ILE B 197 10.01 -17.04 -17.82
CA ILE B 197 8.66 -16.89 -18.38
C ILE B 197 7.66 -17.01 -17.26
N ALA B 198 6.94 -15.93 -16.97
CA ALA B 198 5.93 -15.95 -15.90
C ALA B 198 4.56 -15.91 -16.56
N THR B 199 3.63 -16.78 -16.12
CA THR B 199 2.32 -16.82 -16.74
C THR B 199 1.36 -16.61 -15.62
N ASN B 200 0.17 -16.08 -15.92
CA ASN B 200 -0.87 -15.97 -14.91
C ASN B 200 -2.25 -15.89 -15.54
N ALA B 201 -3.27 -16.08 -14.70
CA ALA B 201 -4.65 -15.70 -14.98
C ALA B 201 -4.87 -14.23 -14.59
N ALA B 202 -5.77 -13.53 -15.27
CA ALA B 202 -6.10 -12.17 -14.91
C ALA B 202 -7.51 -11.80 -15.33
N GLY B 203 -8.10 -10.88 -14.58
CA GLY B 203 -9.37 -10.29 -14.97
C GLY B 203 -9.07 -9.23 -16.02
N GLY B 204 -9.92 -9.15 -17.05
CA GLY B 204 -9.74 -8.15 -18.12
C GLY B 204 -10.46 -6.88 -17.70
N ALA B 205 -9.68 -5.82 -17.43
CA ALA B 205 -10.21 -4.49 -17.08
C ALA B 205 -10.41 -3.68 -18.37
N ASN B 206 -9.64 -3.99 -19.41
CA ASN B 206 -9.85 -3.41 -20.70
C ASN B 206 -11.12 -4.00 -21.40
N PRO B 207 -12.17 -3.16 -21.62
CA PRO B 207 -13.38 -3.84 -22.14
C PRO B 207 -13.27 -4.29 -23.60
N LYS B 208 -12.19 -3.95 -24.29
CA LYS B 208 -11.95 -4.54 -25.61
C LYS B 208 -11.52 -6.02 -25.58
N TYR B 209 -11.03 -6.52 -24.44
CA TYR B 209 -10.57 -7.90 -24.30
C TYR B 209 -11.77 -8.88 -24.18
N ARG B 210 -11.52 -10.17 -24.33
CA ARG B 210 -12.56 -11.23 -24.19
C ARG B 210 -11.93 -12.38 -23.39
N VAL B 211 -12.77 -13.09 -22.63
CA VAL B 211 -12.32 -14.31 -21.97
C VAL B 211 -11.60 -15.21 -22.99
N GLY B 212 -10.43 -15.72 -22.61
CA GLY B 212 -9.63 -16.58 -23.48
C GLY B 212 -8.52 -15.86 -24.21
N ASP B 213 -8.52 -14.52 -24.21
CA ASP B 213 -7.43 -13.74 -24.77
C ASP B 213 -6.14 -14.00 -24.01
N ILE B 214 -5.03 -13.93 -24.71
CA ILE B 214 -3.73 -13.93 -24.07
C ILE B 214 -3.27 -12.48 -24.11
N MET B 215 -3.01 -11.85 -22.94
CA MET B 215 -2.45 -10.49 -23.01
C MET B 215 -0.97 -10.51 -22.68
N LEU B 216 -0.13 -10.21 -23.68
CA LEU B 216 1.28 -9.98 -23.44
C LEU B 216 1.44 -8.83 -22.45
N ILE B 217 2.26 -9.07 -21.43
CA ILE B 217 2.51 -8.05 -20.41
C ILE B 217 3.61 -7.20 -21.02
N LYS B 218 3.29 -5.95 -21.35
CA LYS B 218 4.32 -5.02 -21.82
C LYS B 218 4.98 -4.25 -20.67
N ASP B 219 4.21 -4.06 -19.60
CA ASP B 219 4.64 -3.25 -18.45
C ASP B 219 3.69 -3.62 -17.29
N HIS B 220 4.10 -3.30 -16.08
CA HIS B 220 3.24 -3.44 -14.92
C HIS B 220 3.13 -2.15 -14.07
N ILE B 221 2.18 -2.14 -13.13
CA ILE B 221 2.07 -1.07 -12.12
C ILE B 221 2.13 -1.74 -10.74
N ASN B 222 3.18 -1.46 -9.96
CA ASN B 222 3.40 -2.20 -8.71
C ASN B 222 2.95 -1.36 -7.55
N LEU B 223 1.64 -1.39 -7.35
CA LEU B 223 1.00 -0.76 -6.23
C LEU B 223 1.50 -1.28 -4.89
N MET B 224 1.78 -2.57 -4.80
CA MET B 224 2.38 -3.15 -3.58
C MET B 224 3.73 -2.50 -3.28
N GLY B 225 4.59 -2.34 -4.30
CA GLY B 225 5.88 -1.75 -4.16
C GLY B 225 5.80 -0.28 -3.76
N PHE B 226 4.81 0.48 -4.27
CA PHE B 226 4.61 1.87 -3.90
C PHE B 226 4.50 2.01 -2.40
N ALA B 227 3.72 1.08 -1.78
CA ALA B 227 3.43 1.10 -0.34
C ALA B 227 4.59 0.56 0.52
N GLY B 228 5.68 0.12 -0.10
CA GLY B 228 6.78 -0.47 0.62
C GLY B 228 6.76 -2.00 0.66
N ASN B 229 5.79 -2.63 -0.01
CA ASN B 229 5.75 -4.07 -0.03
C ASN B 229 6.48 -4.60 -1.30
N ASN B 230 7.79 -4.92 -1.16
CA ASN B 230 8.66 -5.26 -2.28
C ASN B 230 9.54 -6.47 -1.91
N PRO B 231 9.76 -7.45 -2.83
CA PRO B 231 10.59 -8.61 -2.49
C PRO B 231 12.10 -8.32 -2.22
N LEU B 232 12.60 -7.14 -2.56
CA LEU B 232 14.01 -6.83 -2.42
C LEU B 232 14.31 -6.00 -1.18
N GLN B 233 13.26 -5.70 -0.40
CA GLN B 233 13.43 -4.97 0.83
C GLN B 233 14.42 -5.71 1.77
N GLY B 234 15.35 -4.98 2.37
CA GLY B 234 16.34 -5.55 3.29
C GLY B 234 17.73 -5.41 2.71
N PRO B 235 18.75 -6.03 3.36
CA PRO B 235 20.11 -5.96 2.84
C PRO B 235 20.18 -6.57 1.43
N ASN B 236 21.02 -5.99 0.61
CA ASN B 236 21.12 -6.41 -0.76
C ASN B 236 22.39 -7.25 -0.87
N ASP B 237 22.25 -8.49 -1.35
CA ASP B 237 23.44 -9.32 -1.72
C ASP B 237 23.91 -9.04 -3.17
N GLU B 238 25.04 -8.39 -3.31
CA GLU B 238 25.59 -8.23 -4.63
C GLU B 238 25.96 -9.36 -5.53
N ARG B 239 26.05 -10.52 -4.94
CA ARG B 239 26.20 -11.75 -5.74
C ARG B 239 24.96 -12.00 -6.59
N PHE B 240 23.80 -11.44 -6.17
CA PHE B 240 22.57 -11.53 -6.99
C PHE B 240 22.49 -10.38 -7.95
N GLY B 241 22.60 -9.16 -7.42
CA GLY B 241 22.50 -7.97 -8.23
C GLY B 241 22.78 -6.70 -7.46
N PRO B 242 22.60 -5.53 -8.12
CA PRO B 242 22.80 -4.19 -7.57
C PRO B 242 21.72 -3.74 -6.58
N ARG B 243 22.08 -2.80 -5.69
CA ARG B 243 21.14 -2.16 -4.76
C ARG B 243 19.93 -1.52 -5.50
N PHE B 244 20.22 -0.73 -6.52
CA PHE B 244 19.23 -0.03 -7.33
C PHE B 244 19.35 -0.48 -8.78
N PHE B 245 18.23 -0.44 -9.50
CA PHE B 245 18.23 -0.69 -10.96
C PHE B 245 16.96 -0.13 -11.61
N GLY B 246 17.06 0.17 -12.90
CA GLY B 246 16.00 0.74 -13.71
C GLY B 246 15.13 -0.39 -14.26
N MET B 247 13.88 -0.06 -14.56
CA MET B 247 12.90 -1.02 -15.07
C MET B 247 12.68 -0.98 -16.60
N ALA B 248 13.38 -0.13 -17.36
CA ALA B 248 13.14 -0.09 -18.81
C ALA B 248 13.40 -1.47 -19.44
N ASN B 249 12.46 -1.90 -20.30
CA ASN B 249 12.62 -3.11 -21.11
C ASN B 249 12.57 -4.40 -20.33
N THR B 250 12.04 -4.30 -19.11
CA THR B 250 11.80 -5.45 -18.23
C THR B 250 11.02 -6.62 -18.86
N TYR B 251 9.88 -6.32 -19.50
CA TYR B 251 9.19 -7.31 -20.30
C TYR B 251 9.81 -7.21 -21.67
N ASP B 252 10.68 -8.16 -22.02
CA ASP B 252 11.61 -7.98 -23.15
C ASP B 252 10.80 -7.71 -24.42
N PRO B 253 11.04 -6.53 -25.05
CA PRO B 253 10.33 -6.15 -26.28
C PRO B 253 10.47 -7.10 -27.47
N LYS B 254 11.66 -7.68 -27.62
CA LYS B 254 11.94 -8.61 -28.69
C LYS B 254 11.16 -9.90 -28.53
N LEU B 255 11.03 -10.38 -27.29
CA LEU B 255 10.24 -11.57 -27.01
C LEU B 255 8.74 -11.32 -27.15
N ASN B 256 8.28 -10.12 -26.80
CA ASN B 256 6.89 -9.77 -27.01
C ASN B 256 6.53 -9.73 -28.50
N GLN B 257 7.42 -9.14 -29.30
CA GLN B 257 7.37 -9.13 -30.77
C GLN B 257 7.33 -10.55 -31.40
N GLN B 258 8.22 -11.43 -30.93
CA GLN B 258 8.24 -12.78 -31.40
C GLN B 258 6.96 -13.51 -30.99
N ALA B 259 6.44 -13.24 -29.79
CA ALA B 259 5.16 -13.77 -29.41
C ALA B 259 4.03 -13.38 -30.38
N LYS B 260 4.11 -12.19 -30.98
CA LYS B 260 3.11 -11.73 -31.97
C LYS B 260 3.26 -12.50 -33.27
N VAL B 261 4.51 -12.76 -33.66
CA VAL B 261 4.85 -13.63 -34.80
C VAL B 261 4.29 -15.04 -34.54
N ILE B 262 4.57 -15.62 -33.39
CA ILE B 262 4.10 -16.94 -33.05
C ILE B 262 2.57 -17.02 -33.07
N ALA B 263 1.89 -16.03 -32.49
CA ALA B 263 0.42 -15.97 -32.47
C ALA B 263 -0.17 -16.08 -33.87
N ARG B 264 0.40 -15.34 -34.81
CA ARG B 264 0.10 -15.49 -36.21
C ARG B 264 0.34 -16.87 -36.81
N GLN B 265 1.45 -17.50 -36.49
CA GLN B 265 1.75 -18.84 -37.01
C GLN B 265 0.71 -19.84 -36.61
N ILE B 266 0.21 -19.76 -35.38
CA ILE B 266 -0.70 -20.77 -34.87
C ILE B 266 -2.17 -20.34 -34.88
N GLY B 267 -2.49 -19.20 -35.50
CA GLY B 267 -3.87 -18.85 -35.77
C GLY B 267 -4.58 -18.08 -34.68
N ILE B 268 -3.84 -17.56 -33.68
CA ILE B 268 -4.50 -16.97 -32.52
C ILE B 268 -4.38 -15.43 -32.40
N GLU B 269 -3.95 -14.75 -33.46
CA GLU B 269 -3.83 -13.28 -33.48
C GLU B 269 -5.08 -12.52 -33.07
N ASN B 270 -6.27 -13.07 -33.25
CA ASN B 270 -7.46 -12.35 -32.83
C ASN B 270 -7.75 -12.54 -31.35
N GLU B 271 -7.00 -13.43 -30.68
CA GLU B 271 -7.08 -13.60 -29.23
C GLU B 271 -5.78 -13.16 -28.53
N LEU B 272 -5.02 -12.25 -29.16
CA LEU B 272 -3.73 -11.82 -28.64
C LEU B 272 -3.72 -10.31 -28.38
N ARG B 273 -3.60 -9.93 -27.11
CA ARG B 273 -3.54 -8.51 -26.76
C ARG B 273 -2.16 -8.24 -26.22
N GLU B 274 -1.93 -6.96 -25.94
CA GLU B 274 -0.72 -6.50 -25.33
C GLU B 274 -1.09 -5.32 -24.43
N GLY B 275 -0.67 -5.34 -23.17
CA GLY B 275 -1.09 -4.31 -22.23
C GLY B 275 -0.40 -4.35 -20.86
N VAL B 276 -1.03 -3.67 -19.87
CA VAL B 276 -0.42 -3.38 -18.54
C VAL B 276 -1.13 -4.21 -17.47
N TYR B 277 -0.31 -4.91 -16.68
CA TYR B 277 -0.79 -5.80 -15.61
C TYR B 277 -0.55 -5.11 -14.22
N THR B 278 -1.39 -5.41 -13.23
CA THR B 278 -1.08 -5.05 -11.84
C THR B 278 -1.34 -6.26 -10.93
N CYS B 279 -0.65 -6.31 -9.80
CA CYS B 279 -0.75 -7.40 -8.84
C CYS B 279 -1.33 -6.79 -7.55
N LEU B 280 -2.57 -7.18 -7.24
CA LEU B 280 -3.25 -6.75 -6.03
C LEU B 280 -3.13 -7.86 -4.97
N GLY B 281 -3.37 -7.51 -3.72
CA GLY B 281 -3.26 -8.48 -2.65
C GLY B 281 -4.28 -9.62 -2.72
N GLY B 282 -5.51 -9.33 -3.11
CA GLY B 282 -6.65 -10.24 -2.96
C GLY B 282 -6.83 -10.68 -1.52
N PRO B 283 -7.49 -11.83 -1.28
CA PRO B 283 -7.99 -12.83 -2.26
C PRO B 283 -9.42 -12.54 -2.82
N ASN B 284 -10.10 -11.54 -2.29
CA ASN B 284 -11.35 -11.10 -2.90
C ASN B 284 -11.07 -10.40 -4.25
N PHE B 285 -12.05 -10.47 -5.16
CA PHE B 285 -11.95 -9.82 -6.47
C PHE B 285 -12.31 -8.35 -6.34
N GLU B 286 -12.11 -7.57 -7.39
CA GLU B 286 -12.17 -6.09 -7.26
C GLU B 286 -13.61 -5.60 -7.32
N THR B 287 -13.88 -4.51 -6.57
CA THR B 287 -15.15 -3.82 -6.68
C THR B 287 -15.23 -3.03 -8.01
N VAL B 288 -16.43 -2.56 -8.37
CA VAL B 288 -16.63 -1.75 -9.57
C VAL B 288 -15.80 -0.45 -9.46
N ALA B 289 -15.83 0.22 -8.31
CA ALA B 289 -15.06 1.46 -8.13
C ALA B 289 -13.53 1.26 -8.29
N GLU B 290 -13.04 0.11 -7.81
CA GLU B 290 -11.61 -0.29 -7.95
C GLU B 290 -11.20 -0.50 -9.41
N VAL B 291 -11.98 -1.27 -10.15
CA VAL B 291 -11.76 -1.55 -11.55
C VAL B 291 -11.74 -0.24 -12.34
N LYS B 292 -12.69 0.68 -12.09
CA LYS B 292 -12.71 1.99 -12.78
C LYS B 292 -11.45 2.80 -12.47
N MET B 293 -11.08 2.89 -11.19
CA MET B 293 -9.85 3.53 -10.81
C MET B 293 -8.64 2.85 -11.52
N LEU B 294 -8.58 1.53 -11.49
CA LEU B 294 -7.43 0.87 -12.10
C LEU B 294 -7.34 1.07 -13.62
N SER B 295 -8.46 1.04 -14.34
CA SER B 295 -8.46 1.39 -15.80
C SER B 295 -7.97 2.78 -16.11
N MET B 296 -8.51 3.73 -15.36
CA MET B 296 -8.13 5.11 -15.51
C MET B 296 -6.62 5.33 -15.26
N LEU B 297 -6.01 4.57 -14.37
CA LEU B 297 -4.55 4.59 -14.13
C LEU B 297 -3.75 3.84 -15.20
N GLY B 298 -4.46 3.08 -16.04
CA GLY B 298 -3.87 2.48 -17.21
C GLY B 298 -3.67 0.96 -17.12
N VAL B 299 -4.33 0.30 -16.18
CA VAL B 299 -4.25 -1.13 -16.04
C VAL B 299 -5.20 -1.82 -17.06
N ASP B 300 -4.70 -2.82 -17.81
CA ASP B 300 -5.56 -3.62 -18.70
C ASP B 300 -5.96 -4.99 -18.08
N ALA B 301 -5.09 -5.54 -17.22
CA ALA B 301 -5.26 -6.88 -16.67
C ALA B 301 -4.97 -6.87 -15.17
N ILE B 302 -5.88 -7.42 -14.39
CA ILE B 302 -5.74 -7.37 -12.94
C ILE B 302 -5.53 -8.79 -12.40
N GLY B 303 -4.38 -9.01 -11.74
CA GLY B 303 -4.11 -10.28 -11.12
C GLY B 303 -3.65 -10.13 -9.68
N MET B 304 -3.00 -11.19 -9.19
CA MET B 304 -2.53 -11.26 -7.83
C MET B 304 -1.20 -11.94 -7.71
N SER B 305 -0.34 -11.82 -8.73
CA SER B 305 0.96 -12.50 -8.65
C SER B 305 1.97 -11.80 -9.56
N THR B 306 3.10 -12.48 -9.83
CA THR B 306 3.93 -12.22 -11.02
C THR B 306 4.88 -11.03 -10.87
N VAL B 307 4.35 -9.85 -10.54
CA VAL B 307 5.15 -8.64 -10.53
C VAL B 307 6.41 -8.79 -9.69
N HIS B 308 6.32 -9.37 -8.49
CA HIS B 308 7.51 -9.49 -7.63
C HIS B 308 8.44 -10.59 -8.09
N GLU B 309 7.86 -11.60 -8.77
CA GLU B 309 8.68 -12.64 -9.39
C GLU B 309 9.53 -12.02 -10.47
N ILE B 310 8.91 -11.17 -11.32
CA ILE B 310 9.72 -10.60 -12.35
C ILE B 310 10.71 -9.53 -11.81
N ILE B 311 10.34 -8.82 -10.74
CA ILE B 311 11.30 -7.85 -10.14
C ILE B 311 12.56 -8.59 -9.63
N THR B 312 12.35 -9.73 -8.97
CA THR B 312 13.41 -10.60 -8.54
C THR B 312 14.30 -11.10 -9.72
N ALA B 313 13.69 -11.48 -10.84
CA ALA B 313 14.44 -11.86 -12.04
C ALA B 313 15.25 -10.71 -12.62
N ARG B 314 14.64 -9.54 -12.75
CA ARG B 314 15.41 -8.40 -13.25
C ARG B 314 16.62 -8.06 -12.37
N HIS B 315 16.47 -8.17 -11.06
CA HIS B 315 17.57 -7.93 -10.14
C HIS B 315 18.74 -8.91 -10.37
N CYS B 316 18.42 -10.19 -10.59
CA CYS B 316 19.36 -11.26 -11.05
C CYS B 316 19.94 -11.04 -12.46
N GLY B 317 19.50 -10.02 -13.18
CA GLY B 317 19.89 -9.85 -14.57
C GLY B 317 19.24 -10.81 -15.57
N MET B 318 18.20 -11.55 -15.17
CA MET B 318 17.46 -12.43 -16.08
C MET B 318 16.62 -11.65 -17.15
N THR B 319 16.45 -12.23 -18.34
CA THR B 319 15.56 -11.67 -19.35
C THR B 319 14.14 -12.16 -19.04
N CYS B 320 13.13 -11.29 -19.13
CA CYS B 320 11.75 -11.70 -18.72
C CYS B 320 10.72 -11.62 -19.82
N PHE B 321 9.84 -12.62 -19.85
CA PHE B 321 8.71 -12.61 -20.75
C PHE B 321 7.54 -13.00 -19.93
N ALA B 322 6.43 -12.31 -20.13
CA ALA B 322 5.24 -12.69 -19.34
C ALA B 322 3.95 -12.42 -20.10
N PHE B 323 2.90 -13.17 -19.74
CA PHE B 323 1.59 -12.95 -20.30
C PHE B 323 0.51 -13.38 -19.27
N SER B 324 -0.65 -12.77 -19.42
CA SER B 324 -1.89 -13.14 -18.73
C SER B 324 -2.87 -13.84 -19.65
N LEU B 325 -3.50 -14.89 -19.14
CA LEU B 325 -4.68 -15.41 -19.80
C LEU B 325 -5.87 -14.74 -19.17
N ILE B 326 -6.66 -14.07 -19.98
CA ILE B 326 -7.86 -13.41 -19.47
C ILE B 326 -8.93 -14.43 -19.20
N THR B 327 -9.24 -14.58 -17.92
CA THR B 327 -10.05 -15.74 -17.48
C THR B 327 -11.46 -15.32 -17.15
N ASN B 328 -11.66 -14.01 -17.14
CA ASN B 328 -12.92 -13.42 -16.72
C ASN B 328 -12.83 -11.92 -17.01
N MET B 329 -13.97 -11.27 -17.26
CA MET B 329 -14.00 -9.83 -17.45
C MET B 329 -14.33 -9.18 -16.11
N CYS B 330 -13.59 -8.13 -15.76
CA CYS B 330 -13.86 -7.39 -14.53
C CYS B 330 -15.28 -6.83 -14.61
N THR B 331 -15.98 -6.75 -13.47
CA THR B 331 -17.33 -6.16 -13.41
C THR B 331 -17.18 -4.64 -13.60
N MET B 332 -17.96 -4.08 -14.51
CA MET B 332 -17.75 -2.66 -14.89
C MET B 332 -18.89 -1.72 -14.63
N SER B 333 -19.99 -2.24 -14.14
CA SER B 333 -21.12 -1.42 -13.81
C SER B 333 -21.83 -2.04 -12.63
N TYR B 334 -22.64 -1.25 -11.95
CA TYR B 334 -23.53 -1.77 -10.91
C TYR B 334 -24.72 -2.61 -11.47
N GLU B 335 -24.90 -2.55 -12.80
CA GLU B 335 -25.95 -3.30 -13.55
C GLU B 335 -25.53 -4.69 -14.01
N GLU B 336 -24.28 -4.85 -14.47
CA GLU B 336 -23.75 -6.18 -14.84
C GLU B 336 -23.92 -7.21 -13.72
N GLU B 337 -24.37 -8.40 -14.06
CA GLU B 337 -24.30 -9.50 -13.15
C GLU B 337 -22.90 -10.04 -13.09
N GLU B 338 -22.48 -10.46 -11.91
CA GLU B 338 -21.08 -10.85 -11.75
C GLU B 338 -21.03 -12.32 -11.36
N GLU B 339 -20.20 -13.08 -12.05
CA GLU B 339 -20.07 -14.51 -11.72
C GLU B 339 -18.64 -14.96 -11.69
N HIS B 340 -17.83 -14.38 -10.79
CA HIS B 340 -16.42 -14.75 -10.68
C HIS B 340 -16.29 -16.03 -9.88
N CYS B 341 -15.59 -16.99 -10.44
CA CYS B 341 -15.52 -18.30 -9.85
C CYS B 341 -14.16 -18.91 -10.17
N HIS B 342 -13.38 -19.21 -9.11
CA HIS B 342 -12.03 -19.78 -9.26
C HIS B 342 -12.00 -21.06 -10.14
N ASP B 343 -12.96 -21.96 -9.92
CA ASP B 343 -13.08 -23.20 -10.70
C ASP B 343 -13.27 -22.91 -12.21
N SER B 344 -14.14 -21.95 -12.54
CA SER B 344 -14.33 -21.53 -13.95
C SER B 344 -13.08 -20.88 -14.50
N ILE B 345 -12.43 -20.08 -13.66
CA ILE B 345 -11.20 -19.35 -14.03
C ILE B 345 -10.09 -20.36 -14.42
N VAL B 346 -9.83 -21.35 -13.54
CA VAL B 346 -8.92 -22.46 -13.85
C VAL B 346 -9.32 -23.21 -15.16
N GLY B 347 -10.62 -23.44 -15.35
CA GLY B 347 -11.19 -24.05 -16.57
C GLY B 347 -10.90 -23.35 -17.90
N VAL B 348 -10.85 -22.01 -17.89
CA VAL B 348 -10.46 -21.26 -19.06
C VAL B 348 -9.08 -21.70 -19.57
N GLY B 349 -8.11 -21.87 -18.66
CA GLY B 349 -6.77 -22.28 -19.04
C GLY B 349 -6.69 -23.74 -19.47
N LYS B 350 -7.40 -24.56 -18.70
CA LYS B 350 -7.50 -26.00 -18.92
C LYS B 350 -8.09 -26.27 -20.32
N ASN B 351 -9.09 -25.50 -20.72
CA ASN B 351 -9.69 -25.66 -22.04
C ASN B 351 -8.83 -25.11 -23.17
N ARG B 352 -7.68 -24.52 -22.83
CA ARG B 352 -6.76 -23.96 -23.83
C ARG B 352 -5.37 -24.57 -23.73
N GLU B 353 -5.27 -25.72 -23.07
CA GLU B 353 -3.95 -26.32 -22.86
C GLU B 353 -3.15 -26.58 -24.11
N LYS B 354 -3.78 -27.08 -25.14
CA LYS B 354 -3.14 -27.23 -26.42
C LYS B 354 -2.46 -25.98 -26.96
N THR B 355 -3.26 -24.94 -27.20
CA THR B 355 -2.74 -23.64 -27.55
C THR B 355 -1.71 -22.98 -26.69
N LEU B 356 -1.88 -23.08 -25.39
CA LEU B 356 -0.92 -22.53 -24.43
C LEU B 356 0.43 -23.25 -24.50
N GLY B 357 0.36 -24.58 -24.45
CA GLY B 357 1.55 -25.38 -24.64
C GLY B 357 2.27 -25.01 -25.90
N GLU B 358 1.53 -24.81 -27.00
CA GLU B 358 2.19 -24.60 -28.27
C GLU B 358 2.86 -23.23 -28.29
N PHE B 359 2.12 -22.23 -27.81
CA PHE B 359 2.57 -20.85 -27.73
C PHE B 359 3.84 -20.77 -26.87
N VAL B 360 3.78 -21.28 -25.64
CA VAL B 360 4.96 -21.27 -24.73
C VAL B 360 6.15 -22.06 -25.30
N SER B 361 5.86 -23.23 -25.87
CA SER B 361 6.87 -24.07 -26.48
C SER B 361 7.66 -23.33 -27.56
N ARG B 362 6.97 -22.57 -28.40
CA ARG B 362 7.66 -21.81 -29.41
C ARG B 362 8.40 -20.56 -28.94
N ILE B 363 8.00 -19.90 -27.84
CA ILE B 363 8.82 -18.86 -27.27
C ILE B 363 10.16 -19.38 -26.74
N VAL B 364 10.10 -20.51 -26.09
CA VAL B 364 11.22 -21.25 -25.55
C VAL B 364 12.16 -21.66 -26.68
N LYS B 365 11.57 -22.12 -27.79
CA LYS B 365 12.32 -22.45 -28.98
C LYS B 365 13.08 -21.24 -29.52
N HIS B 366 12.41 -20.10 -29.60
CA HIS B 366 13.09 -18.87 -30.07
C HIS B 366 14.29 -18.47 -29.17
N ILE B 367 14.10 -18.59 -27.87
CA ILE B 367 15.14 -18.31 -26.88
C ILE B 367 16.36 -19.22 -27.08
N HIS B 368 16.13 -20.54 -27.14
CA HIS B 368 17.17 -21.55 -27.43
C HIS B 368 17.99 -21.27 -28.70
N TYR B 369 17.32 -20.99 -29.79
CA TYR B 369 17.96 -20.69 -31.03
C TYR B 369 18.77 -19.41 -31.04
N GLU B 370 18.21 -18.35 -30.49
CA GLU B 370 18.97 -17.16 -30.22
C GLU B 370 20.24 -17.22 -29.36
N ALA B 371 20.39 -18.05 -28.30
CA ALA B 371 21.73 -18.32 -27.90
C ALA B 371 22.29 -19.34 -28.84
N TYR C 90 10.94 1.90 19.42
CA TYR C 90 11.50 3.13 20.09
C TYR C 90 10.44 3.78 20.99
N THR C 91 10.59 3.62 22.30
CA THR C 91 9.73 4.32 23.25
C THR C 91 10.27 5.73 23.51
N TYR C 92 9.43 6.56 24.14
CA TYR C 92 9.82 7.91 24.55
C TYR C 92 11.13 7.89 25.36
N ASP C 93 11.19 7.00 26.35
CA ASP C 93 12.34 6.85 27.25
C ASP C 93 13.63 6.55 26.50
N THR C 94 13.61 5.56 25.60
CA THR C 94 14.73 5.27 24.73
C THR C 94 15.13 6.50 23.92
N LEU C 95 14.16 7.24 23.38
CA LEU C 95 14.48 8.37 22.51
C LEU C 95 15.12 9.49 23.33
N GLN C 96 14.65 9.65 24.55
CA GLN C 96 15.18 10.65 25.46
C GLN C 96 16.60 10.25 25.96
N GLU C 97 16.91 8.96 26.01
CA GLU C 97 18.27 8.49 26.29
C GLU C 97 19.22 8.84 25.13
N ILE C 98 18.73 8.73 23.90
CA ILE C 98 19.55 9.10 22.75
C ILE C 98 19.82 10.59 22.76
N ALA C 99 18.76 11.37 23.03
CA ALA C 99 18.88 12.81 23.11
C ALA C 99 19.87 13.26 24.23
N THR C 100 19.70 12.75 25.45
CA THR C 100 20.63 13.00 26.56
C THR C 100 22.03 12.58 26.27
N TYR C 101 22.20 11.38 25.69
CA TYR C 101 23.50 10.90 25.25
C TYR C 101 24.25 11.96 24.42
N LEU C 102 23.57 12.51 23.43
CA LEU C 102 24.13 13.57 22.58
C LEU C 102 24.31 14.94 23.29
N LEU C 103 23.32 15.38 24.08
CA LEU C 103 23.37 16.67 24.78
C LEU C 103 24.51 16.78 25.85
N GLU C 104 24.88 15.64 26.46
CA GLU C 104 26.06 15.52 27.31
C GLU C 104 27.41 15.57 26.56
N ARG C 105 27.39 15.39 25.23
CA ARG C 105 28.63 15.22 24.52
C ARG C 105 28.91 16.34 23.53
N THR C 106 27.97 17.24 23.38
CA THR C 106 28.17 18.46 22.60
C THR C 106 27.60 19.62 23.39
N GLU C 107 28.26 20.77 23.37
CA GLU C 107 27.67 21.97 23.98
C GLU C 107 26.64 22.70 23.07
N LEU C 108 26.64 22.36 21.80
CA LEU C 108 25.78 23.01 20.80
C LEU C 108 24.33 22.73 21.09
N ARG C 109 23.48 23.74 20.91
CA ARG C 109 22.04 23.60 21.15
C ARG C 109 21.32 24.11 19.92
N PRO C 110 21.27 23.28 18.85
CA PRO C 110 20.65 23.72 17.59
C PRO C 110 19.10 23.86 17.66
N LYS C 111 18.53 24.80 16.88
CA LYS C 111 17.09 24.93 16.74
C LYS C 111 16.57 24.32 15.42
N VAL C 112 17.52 23.92 14.55
CA VAL C 112 17.21 23.40 13.21
C VAL C 112 17.89 22.08 12.97
N GLY C 113 17.12 21.05 12.56
CA GLY C 113 17.72 19.79 12.14
C GLY C 113 17.66 19.68 10.63
N ILE C 114 18.68 19.04 10.04
CA ILE C 114 18.79 18.91 8.58
C ILE C 114 19.08 17.45 8.21
N ILE C 115 18.26 16.89 7.35
CA ILE C 115 18.51 15.59 6.83
C ILE C 115 19.06 15.69 5.40
N CYS C 116 20.27 15.19 5.20
CA CYS C 116 20.96 15.23 3.89
C CYS C 116 20.77 13.92 3.15
N GLY C 117 20.15 14.00 1.96
CA GLY C 117 19.87 12.83 1.14
C GLY C 117 20.96 12.48 0.14
N SER C 118 20.58 11.75 -0.91
CA SER C 118 21.55 11.22 -1.87
C SER C 118 22.19 12.38 -2.62
N GLY C 119 23.53 12.50 -2.53
CA GLY C 119 24.25 13.62 -3.15
C GLY C 119 24.16 14.95 -2.43
N LEU C 120 23.70 14.95 -1.18
CA LEU C 120 23.49 16.20 -0.45
C LEU C 120 24.33 16.17 0.82
N GLY C 121 25.04 15.05 1.02
CA GLY C 121 25.84 14.85 2.23
C GLY C 121 26.89 15.93 2.50
N THR C 122 27.35 16.59 1.44
CA THR C 122 28.30 17.68 1.55
C THR C 122 27.77 18.92 2.25
N LEU C 123 26.46 19.01 2.47
CA LEU C 123 25.97 20.10 3.32
C LEU C 123 26.72 20.06 4.65
N ALA C 124 26.89 18.85 5.22
CA ALA C 124 27.42 18.67 6.56
C ALA C 124 28.89 19.05 6.68
N GLU C 125 29.61 18.94 5.55
CA GLU C 125 31.03 19.31 5.47
C GLU C 125 31.26 20.82 5.53
N GLN C 126 30.21 21.61 5.37
CA GLN C 126 30.33 23.09 5.43
C GLN C 126 30.15 23.68 6.83
N LEU C 127 29.79 22.87 7.82
CA LEU C 127 29.64 23.36 9.20
C LEU C 127 31.03 23.62 9.83
N THR C 128 31.07 24.56 10.77
CA THR C 128 32.33 24.86 11.53
C THR C 128 32.15 24.50 12.99
N ASP C 129 33.23 24.38 13.74
CA ASP C 129 33.20 24.07 15.16
C ASP C 129 32.36 22.84 15.46
N VAL C 130 32.75 21.76 14.83
CA VAL C 130 31.92 20.57 14.69
C VAL C 130 32.11 19.56 15.83
N ASP C 131 31.00 18.99 16.32
CA ASP C 131 30.95 17.79 17.14
C ASP C 131 30.23 16.76 16.30
N SER C 132 30.90 15.66 16.06
CA SER C 132 30.47 14.67 15.11
C SER C 132 30.34 13.30 15.79
N PHE C 133 29.28 12.57 15.44
CA PHE C 133 28.99 11.25 16.00
C PHE C 133 28.63 10.26 14.91
N ASP C 134 29.48 9.29 14.62
CA ASP C 134 29.16 8.25 13.63
C ASP C 134 27.95 7.44 14.14
N TYR C 135 27.00 7.14 13.24
CA TYR C 135 25.79 6.40 13.67
C TYR C 135 26.11 5.09 14.40
N GLU C 136 27.13 4.36 13.94
CA GLU C 136 27.45 3.03 14.54
C GLU C 136 28.00 3.18 15.99
N THR C 137 28.23 4.43 16.43
CA THR C 137 28.71 4.70 17.81
C THR C 137 27.62 5.20 18.78
N ILE C 138 26.45 5.58 18.24
CA ILE C 138 25.34 6.18 19.00
C ILE C 138 24.39 5.08 19.49
N PRO C 139 24.00 5.10 20.79
CA PRO C 139 23.09 4.04 21.27
C PRO C 139 21.80 3.97 20.44
N HIS C 140 21.38 2.74 20.12
CA HIS C 140 20.12 2.44 19.40
C HIS C 140 20.02 2.99 18.00
N PHE C 141 21.12 3.45 17.42
CA PHE C 141 21.01 4.12 16.15
C PHE C 141 21.20 3.13 15.01
N PRO C 142 20.33 3.25 13.98
CA PRO C 142 20.44 2.50 12.72
C PRO C 142 21.71 3.00 11.97
N VAL C 143 22.19 2.23 11.02
CA VAL C 143 23.32 2.67 10.22
C VAL C 143 22.87 2.86 8.75
N SER C 144 23.48 3.83 8.08
CA SER C 144 23.27 4.04 6.64
C SER C 144 24.04 3.00 5.85
N THR C 145 23.36 2.17 5.06
CA THR C 145 24.04 1.18 4.20
C THR C 145 24.11 1.59 2.72
N VAL C 146 23.56 2.74 2.37
CA VAL C 146 23.54 3.20 0.98
C VAL C 146 24.78 4.05 0.67
N ALA C 147 25.39 3.83 -0.49
CA ALA C 147 26.55 4.62 -0.94
C ALA C 147 26.20 6.08 -1.04
N GLY C 148 27.10 6.94 -0.56
CA GLY C 148 26.91 8.38 -0.56
C GLY C 148 26.17 8.88 0.68
N HIS C 149 25.76 7.95 1.56
CA HIS C 149 25.21 8.28 2.88
C HIS C 149 26.31 7.93 3.90
N VAL C 150 27.09 8.95 4.29
CA VAL C 150 28.27 8.77 5.16
C VAL C 150 27.89 8.11 6.48
N GLY C 151 26.78 8.53 7.07
CA GLY C 151 26.28 7.91 8.31
C GLY C 151 26.81 8.54 9.59
N ARG C 152 26.63 9.86 9.71
CA ARG C 152 27.26 10.67 10.74
C ARG C 152 26.25 11.77 11.16
N LEU C 153 26.05 11.96 12.45
CA LEU C 153 25.28 13.10 12.96
C LEU C 153 26.28 14.23 13.31
N VAL C 154 26.22 15.35 12.62
CA VAL C 154 27.16 16.46 12.81
C VAL C 154 26.46 17.69 13.42
N PHE C 155 26.88 18.11 14.61
CA PHE C 155 26.48 19.37 15.21
C PHE C 155 27.53 20.43 14.87
N GLY C 156 27.10 21.58 14.36
CA GLY C 156 28.06 22.59 13.93
C GLY C 156 27.36 23.90 13.62
N TYR C 157 28.13 24.88 13.20
CA TYR C 157 27.58 26.17 12.80
C TYR C 157 27.52 26.22 11.30
N LEU C 158 26.35 26.54 10.76
CA LEU C 158 26.22 26.79 9.33
C LEU C 158 26.10 28.29 9.17
N ALA C 159 27.13 28.91 8.58
CA ALA C 159 27.33 30.37 8.59
C ALA C 159 26.94 30.99 9.92
N GLY C 160 27.49 30.48 11.02
CA GLY C 160 27.22 31.05 12.33
C GLY C 160 25.96 30.61 13.08
N VAL C 161 25.14 29.76 12.47
CA VAL C 161 23.89 29.30 13.13
C VAL C 161 24.06 27.83 13.56
N PRO C 162 23.82 27.52 14.86
CA PRO C 162 23.92 26.11 15.27
C PRO C 162 22.87 25.20 14.62
N VAL C 163 23.33 24.11 14.01
CA VAL C 163 22.41 23.16 13.41
C VAL C 163 22.80 21.74 13.79
N MET C 164 21.86 20.80 13.58
CA MET C 164 22.12 19.39 13.76
C MET C 164 21.96 18.75 12.36
N CYS C 165 22.94 18.01 11.91
CA CYS C 165 22.88 17.52 10.55
C CYS C 165 22.96 16.01 10.47
N MET C 166 21.98 15.38 9.83
CA MET C 166 22.12 13.94 9.49
C MET C 166 22.83 13.85 8.15
N GLN C 167 24.08 13.44 8.17
CA GLN C 167 24.83 13.31 6.95
C GLN C 167 24.63 11.86 6.49
N GLY C 168 23.59 11.61 5.71
CA GLY C 168 23.12 10.23 5.54
C GLY C 168 21.81 9.95 6.25
N ARG C 169 20.96 9.21 5.58
CA ARG C 169 19.58 8.98 5.95
C ARG C 169 19.39 7.44 6.00
N PHE C 170 18.22 7.01 6.45
CA PHE C 170 17.82 5.64 6.48
C PHE C 170 16.59 5.52 5.58
N HIS C 171 16.54 4.41 4.85
CA HIS C 171 15.47 4.15 3.89
C HIS C 171 14.71 2.89 4.19
N HIS C 172 13.42 2.95 3.97
CA HIS C 172 12.58 1.76 4.10
C HIS C 172 13.09 0.54 3.28
N TYR C 173 13.66 0.77 2.11
CA TYR C 173 14.14 -0.37 1.30
C TYR C 173 15.35 -1.10 1.89
N GLU C 174 16.05 -0.47 2.84
CA GLU C 174 17.16 -1.12 3.57
C GLU C 174 16.60 -2.11 4.62
N GLY C 175 15.28 -2.09 4.85
CA GLY C 175 14.70 -3.00 5.81
C GLY C 175 14.24 -2.27 7.05
N TYR C 176 14.47 -0.96 7.13
CA TYR C 176 14.02 -0.22 8.31
C TYR C 176 12.53 0.17 8.25
N PRO C 177 11.74 -0.19 9.30
CA PRO C 177 10.37 0.30 9.39
C PRO C 177 10.40 1.84 9.33
N LEU C 178 9.35 2.48 8.83
CA LEU C 178 9.30 3.94 8.76
C LEU C 178 9.51 4.69 10.11
N ALA C 179 9.00 4.14 11.21
CA ALA C 179 9.23 4.69 12.57
C ALA C 179 10.71 4.72 12.96
N LYS C 180 11.44 3.72 12.51
CA LYS C 180 12.87 3.69 12.72
C LYS C 180 13.62 4.68 11.80
N CYS C 181 13.23 4.77 10.53
CA CYS C 181 13.79 5.78 9.65
C CYS C 181 13.54 7.20 10.17
N ALA C 182 12.38 7.42 10.80
CA ALA C 182 11.98 8.75 11.26
C ALA C 182 12.43 9.08 12.70
N MET C 183 12.96 8.07 13.40
CA MET C 183 13.37 8.16 14.78
C MET C 183 14.29 9.38 15.06
N PRO C 184 15.27 9.70 14.19
CA PRO C 184 16.07 10.92 14.47
C PRO C 184 15.31 12.24 14.57
N VAL C 185 14.12 12.31 13.97
CA VAL C 185 13.32 13.52 13.99
C VAL C 185 12.84 13.71 15.41
N ARG C 186 12.47 12.60 16.05
CA ARG C 186 12.04 12.66 17.44
C ARG C 186 13.21 12.97 18.36
N VAL C 187 14.39 12.41 18.07
CA VAL C 187 15.62 12.85 18.77
C VAL C 187 15.90 14.36 18.60
N MET C 188 15.82 14.89 17.37
CA MET C 188 15.92 16.31 17.11
C MET C 188 14.97 17.13 17.90
N HIS C 189 13.70 16.73 17.89
CA HIS C 189 12.70 17.41 18.68
C HIS C 189 13.12 17.45 20.16
N LEU C 190 13.50 16.32 20.73
CA LEU C 190 13.91 16.27 22.14
C LEU C 190 15.18 17.08 22.48
N ILE C 191 16.07 17.18 21.52
CA ILE C 191 17.25 18.06 21.60
C ILE C 191 16.86 19.54 21.63
N GLY C 192 15.66 19.88 21.10
CA GLY C 192 15.21 21.30 21.06
C GLY C 192 15.09 21.90 19.65
N CYS C 193 15.30 21.11 18.60
CA CYS C 193 15.03 21.63 17.24
C CYS C 193 13.56 21.98 17.07
N THR C 194 13.28 23.18 16.59
CA THR C 194 11.90 23.61 16.31
C THR C 194 11.60 23.47 14.77
N HIS C 195 12.64 23.26 13.97
CA HIS C 195 12.56 23.21 12.52
C HIS C 195 13.27 22.01 11.98
N LEU C 196 12.65 21.42 10.96
CA LEU C 196 13.26 20.35 10.21
C LEU C 196 13.41 20.78 8.78
N ILE C 197 14.65 20.73 8.26
CA ILE C 197 14.89 20.85 6.81
C ILE C 197 15.19 19.42 6.25
N ALA C 198 14.30 18.88 5.42
CA ALA C 198 14.46 17.57 4.83
C ALA C 198 14.84 17.75 3.35
N THR C 199 15.85 17.00 2.95
CA THR C 199 16.53 17.17 1.69
C THR C 199 16.52 15.79 1.03
N ASN C 200 16.32 15.73 -0.29
CA ASN C 200 16.46 14.44 -0.97
C ASN C 200 16.77 14.61 -2.44
N ALA C 201 17.17 13.49 -3.06
CA ALA C 201 17.25 13.34 -4.52
C ALA C 201 15.94 12.84 -5.00
N ALA C 202 15.54 13.25 -6.22
CA ALA C 202 14.30 12.69 -6.79
C ALA C 202 14.38 12.62 -8.31
N GLY C 203 13.58 11.73 -8.90
CA GLY C 203 13.41 11.71 -10.35
C GLY C 203 12.34 12.70 -10.73
N GLY C 204 12.53 13.36 -11.87
CA GLY C 204 11.53 14.34 -12.32
C GLY C 204 10.51 13.62 -13.18
N ALA C 205 9.32 13.42 -12.60
CA ALA C 205 8.14 12.96 -13.28
C ALA C 205 7.52 14.11 -14.11
N ASN C 206 7.65 15.36 -13.65
CA ASN C 206 7.26 16.52 -14.47
C ASN C 206 8.27 16.80 -15.59
N PRO C 207 7.86 16.61 -16.86
CA PRO C 207 8.80 16.74 -18.01
C PRO C 207 9.37 18.17 -18.27
N LYS C 208 8.78 19.18 -17.67
CA LYS C 208 9.37 20.53 -17.72
C LYS C 208 10.59 20.72 -16.80
N TYR C 209 10.78 19.81 -15.84
CA TYR C 209 11.94 19.88 -14.95
C TYR C 209 13.20 19.50 -15.73
N ARG C 210 14.36 19.89 -15.22
CA ARG C 210 15.66 19.57 -15.78
C ARG C 210 16.55 19.00 -14.65
N VAL C 211 17.43 18.09 -15.01
CA VAL C 211 18.40 17.55 -14.08
C VAL C 211 19.17 18.71 -13.44
N GLY C 212 19.29 18.72 -12.12
CA GLY C 212 19.97 19.83 -11.48
C GLY C 212 19.00 20.85 -10.90
N ASP C 213 17.71 20.79 -11.26
CA ASP C 213 16.75 21.69 -10.69
C ASP C 213 16.58 21.33 -9.21
N ILE C 214 16.20 22.32 -8.42
CA ILE C 214 15.81 22.13 -7.06
C ILE C 214 14.30 22.34 -7.08
N MET C 215 13.53 21.33 -6.68
CA MET C 215 12.07 21.44 -6.48
C MET C 215 11.70 21.58 -4.98
N LEU C 216 11.23 22.77 -4.62
CA LEU C 216 10.61 23.02 -3.34
C LEU C 216 9.44 22.06 -3.22
N ILE C 217 9.34 21.35 -2.09
CA ILE C 217 8.21 20.46 -1.89
C ILE C 217 7.14 21.33 -1.29
N LYS C 218 6.04 21.50 -2.03
CA LYS C 218 4.84 22.20 -1.55
C LYS C 218 3.91 21.21 -0.82
N ASP C 219 3.96 19.94 -1.20
CA ASP C 219 2.99 18.96 -0.70
C ASP C 219 3.48 17.58 -1.03
N HIS C 220 2.83 16.56 -0.46
CA HIS C 220 3.18 15.22 -0.81
C HIS C 220 1.93 14.35 -0.93
N ILE C 221 2.15 13.21 -1.58
CA ILE C 221 1.15 12.17 -1.64
C ILE C 221 1.76 10.97 -0.94
N ASN C 222 1.22 10.66 0.24
CA ASN C 222 1.74 9.52 1.03
C ASN C 222 1.00 8.20 0.70
N LEU C 223 1.40 7.55 -0.39
CA LEU C 223 0.90 6.21 -0.80
C LEU C 223 1.11 5.07 0.22
N MET C 224 2.32 4.98 0.78
CA MET C 224 2.58 4.11 1.96
C MET C 224 1.55 4.25 3.08
N GLY C 225 1.28 5.48 3.50
CA GLY C 225 0.25 5.81 4.48
C GLY C 225 -1.14 5.37 4.11
N PHE C 226 -1.50 5.48 2.82
CA PHE C 226 -2.84 5.08 2.35
C PHE C 226 -3.07 3.61 2.72
N ALA C 227 -2.03 2.78 2.46
CA ALA C 227 -2.00 1.33 2.71
C ALA C 227 -1.87 0.89 4.20
N GLY C 228 -1.63 1.82 5.12
CA GLY C 228 -1.44 1.44 6.51
C GLY C 228 0.00 1.57 7.00
N ASN C 229 0.94 1.86 6.10
CA ASN C 229 2.36 1.92 6.45
C ASN C 229 2.72 3.34 6.79
N ASN C 230 2.55 3.70 8.05
CA ASN C 230 2.78 5.04 8.59
C ASN C 230 3.68 4.95 9.86
N PRO C 231 4.61 5.92 10.11
CA PRO C 231 5.55 5.86 11.25
C PRO C 231 4.83 6.08 12.58
N LEU C 232 3.60 6.61 12.53
CA LEU C 232 2.82 6.93 13.74
C LEU C 232 1.90 5.80 14.19
N GLN C 233 1.87 4.68 13.46
CA GLN C 233 0.93 3.60 13.79
C GLN C 233 1.29 3.03 15.17
N GLY C 234 0.28 2.67 15.94
CA GLY C 234 0.51 2.21 17.29
C GLY C 234 0.05 3.21 18.34
N PRO C 235 0.26 2.86 19.64
CA PRO C 235 -0.09 3.78 20.74
C PRO C 235 0.53 5.15 20.53
N ASN C 236 -0.21 6.20 20.85
CA ASN C 236 0.29 7.56 20.70
C ASN C 236 0.76 8.06 22.07
N ASP C 237 1.93 8.71 22.07
CA ASP C 237 2.50 9.35 23.25
C ASP C 237 2.29 10.86 23.20
N GLU C 238 1.41 11.36 24.03
CA GLU C 238 1.04 12.76 24.15
C GLU C 238 2.15 13.69 24.50
N ARG C 239 3.22 13.17 25.05
CA ARG C 239 4.45 13.97 25.21
C ARG C 239 5.07 14.37 23.89
N PHE C 240 4.90 13.56 22.83
CA PHE C 240 5.22 14.03 21.48
C PHE C 240 4.12 14.88 20.83
N GLY C 241 2.88 14.38 20.80
CA GLY C 241 1.82 15.06 20.07
C GLY C 241 0.46 14.36 20.19
N PRO C 242 -0.58 14.93 19.55
CA PRO C 242 -1.95 14.42 19.62
C PRO C 242 -2.16 13.15 18.77
N ARG C 243 -3.16 12.38 19.15
CA ARG C 243 -3.59 11.21 18.39
C ARG C 243 -3.79 11.53 16.87
N PHE C 244 -4.47 12.63 16.55
CA PHE C 244 -4.85 12.95 15.17
C PHE C 244 -4.38 14.36 14.94
N PHE C 245 -4.06 14.72 13.68
CA PHE C 245 -3.71 16.10 13.33
C PHE C 245 -3.88 16.30 11.81
N GLY C 246 -4.10 17.56 11.39
CA GLY C 246 -4.24 17.89 10.00
C GLY C 246 -2.89 18.19 9.37
N MET C 247 -2.90 18.18 8.05
CA MET C 247 -1.67 18.34 7.29
C MET C 247 -1.55 19.70 6.62
N ALA C 248 -2.58 20.56 6.70
CA ALA C 248 -2.51 21.91 6.11
C ALA C 248 -1.22 22.67 6.52
N ASN C 249 -0.51 23.24 5.52
CA ASN C 249 0.72 24.03 5.75
C ASN C 249 1.89 23.18 6.28
N THR C 250 1.78 21.86 6.09
CA THR C 250 2.85 20.95 6.52
C THR C 250 4.21 21.44 5.99
N TYR C 251 4.30 21.66 4.68
CA TYR C 251 5.49 22.29 4.05
C TYR C 251 5.36 23.81 4.13
N ASP C 252 6.09 24.42 5.06
CA ASP C 252 5.74 25.75 5.52
C ASP C 252 5.65 26.79 4.37
N PRO C 253 4.44 27.37 4.15
CA PRO C 253 4.31 28.32 3.02
C PRO C 253 5.29 29.51 3.04
N LYS C 254 5.50 30.12 4.21
CA LYS C 254 6.43 31.24 4.32
C LYS C 254 7.90 30.90 4.00
N LEU C 255 8.39 29.72 4.43
CA LEU C 255 9.74 29.25 4.07
C LEU C 255 9.83 28.93 2.59
N ASN C 256 8.78 28.36 2.01
CA ASN C 256 8.76 28.15 0.58
C ASN C 256 8.84 29.51 -0.13
N GLN C 257 8.04 30.50 0.30
CA GLN C 257 8.12 31.84 -0.32
C GLN C 257 9.49 32.49 -0.12
N GLN C 258 10.09 32.33 1.07
CA GLN C 258 11.41 32.89 1.30
C GLN C 258 12.51 32.21 0.46
N ALA C 259 12.36 30.91 0.23
CA ALA C 259 13.29 30.13 -0.61
C ALA C 259 13.25 30.65 -2.07
N LYS C 260 12.08 31.16 -2.53
CA LYS C 260 11.98 31.79 -3.86
C LYS C 260 12.75 33.15 -3.89
N VAL C 261 12.62 33.92 -2.81
CA VAL C 261 13.35 35.19 -2.66
C VAL C 261 14.86 34.89 -2.74
N ILE C 262 15.35 33.98 -1.91
CA ILE C 262 16.75 33.48 -1.96
C ILE C 262 17.20 32.98 -3.31
N ALA C 263 16.37 32.17 -3.97
CA ALA C 263 16.79 31.63 -5.27
C ALA C 263 17.13 32.75 -6.25
N ARG C 264 16.27 33.76 -6.28
CA ARG C 264 16.47 34.93 -7.08
C ARG C 264 17.69 35.75 -6.62
N GLN C 265 18.00 35.79 -5.32
CA GLN C 265 19.22 36.51 -4.87
C GLN C 265 20.49 35.87 -5.38
N ILE C 266 20.54 34.54 -5.39
CA ILE C 266 21.76 33.80 -5.69
C ILE C 266 21.79 33.38 -7.19
N GLY C 267 20.76 33.76 -7.94
CA GLY C 267 20.73 33.60 -9.38
C GLY C 267 20.34 32.21 -9.85
N ILE C 268 19.59 31.46 -9.01
CA ILE C 268 19.13 30.12 -9.43
C ILE C 268 17.61 29.98 -9.69
N GLU C 269 16.89 31.09 -9.83
CA GLU C 269 15.44 31.06 -10.02
C GLU C 269 14.95 30.20 -11.20
N ASN C 270 15.78 30.08 -12.23
CA ASN C 270 15.42 29.33 -13.42
C ASN C 270 15.55 27.82 -13.19
N GLU C 271 16.29 27.46 -12.14
CA GLU C 271 16.53 26.08 -11.80
C GLU C 271 15.69 25.72 -10.57
N LEU C 272 14.74 26.58 -10.22
CA LEU C 272 13.94 26.42 -9.04
C LEU C 272 12.50 26.09 -9.40
N ARG C 273 11.99 25.01 -8.81
CA ARG C 273 10.62 24.53 -9.09
C ARG C 273 9.88 24.46 -7.76
N GLU C 274 8.59 24.22 -7.85
CA GLU C 274 7.78 23.96 -6.66
C GLU C 274 6.67 23.00 -7.04
N GLY C 275 6.53 21.93 -6.30
CA GLY C 275 5.58 20.90 -6.71
C GLY C 275 5.39 19.81 -5.68
N VAL C 276 4.90 18.67 -6.16
CA VAL C 276 4.44 17.59 -5.28
C VAL C 276 5.38 16.38 -5.27
N TYR C 277 5.73 15.93 -4.07
CA TYR C 277 6.66 14.79 -3.93
C TYR C 277 5.90 13.54 -3.49
N THR C 278 6.39 12.38 -3.93
CA THR C 278 5.94 11.10 -3.38
C THR C 278 7.10 10.21 -2.95
N CYS C 279 6.83 9.37 -1.95
CA CYS C 279 7.82 8.42 -1.42
C CYS C 279 7.34 6.98 -1.70
N LEU C 280 8.11 6.26 -2.51
CA LEU C 280 7.79 4.90 -2.92
C LEU C 280 8.77 3.98 -2.20
N GLY C 281 8.39 2.72 -2.05
CA GLY C 281 9.27 1.70 -1.47
C GLY C 281 10.66 1.55 -2.07
N GLY C 282 10.75 1.45 -3.39
CA GLY C 282 12.02 1.12 -4.06
C GLY C 282 12.32 -0.33 -3.74
N PRO C 283 13.60 -0.76 -3.91
CA PRO C 283 14.78 0.03 -4.35
C PRO C 283 14.89 0.13 -5.89
N ASN C 284 14.15 -0.68 -6.64
CA ASN C 284 14.09 -0.50 -8.09
C ASN C 284 13.43 0.84 -8.43
N PHE C 285 13.79 1.42 -9.57
CA PHE C 285 13.14 2.65 -10.07
C PHE C 285 11.84 2.28 -10.77
N GLU C 286 11.12 3.29 -11.25
CA GLU C 286 9.71 3.18 -11.68
C GLU C 286 9.61 2.81 -13.16
N THR C 287 8.56 2.08 -13.51
CA THR C 287 8.28 1.69 -14.88
C THR C 287 7.60 2.89 -15.55
N VAL C 288 7.52 2.85 -16.88
CA VAL C 288 6.85 3.85 -17.69
C VAL C 288 5.39 3.96 -17.28
N ALA C 289 4.68 2.83 -17.13
CA ALA C 289 3.28 2.84 -16.63
C ALA C 289 3.13 3.47 -15.23
N GLU C 290 4.04 3.16 -14.30
CA GLU C 290 4.01 3.75 -12.95
C GLU C 290 4.24 5.28 -13.03
N VAL C 291 5.21 5.70 -13.82
CA VAL C 291 5.50 7.13 -13.95
C VAL C 291 4.28 7.88 -14.54
N LYS C 292 3.61 7.31 -15.56
CA LYS C 292 2.38 7.89 -16.15
C LYS C 292 1.25 8.01 -15.13
N MET C 293 1.02 6.93 -14.37
CA MET C 293 0.02 6.96 -13.33
C MET C 293 0.33 8.03 -12.23
N LEU C 294 1.57 8.09 -11.77
CA LEU C 294 1.92 9.00 -10.64
C LEU C 294 1.74 10.44 -11.06
N SER C 295 2.17 10.69 -12.29
CA SER C 295 2.17 11.99 -12.86
C SER C 295 0.72 12.46 -13.11
N MET C 296 -0.16 11.56 -13.55
CA MET C 296 -1.57 11.95 -13.74
C MET C 296 -2.27 12.24 -12.40
N LEU C 297 -1.80 11.63 -11.32
CA LEU C 297 -2.30 11.87 -9.97
C LEU C 297 -1.71 13.14 -9.33
N GLY C 298 -0.74 13.78 -10.01
CA GLY C 298 -0.29 15.11 -9.64
C GLY C 298 1.11 15.14 -9.01
N VAL C 299 1.86 14.04 -9.08
CA VAL C 299 3.23 13.95 -8.60
C VAL C 299 4.18 14.56 -9.62
N ASP C 300 5.10 15.44 -9.15
CA ASP C 300 6.16 16.12 -9.93
C ASP C 300 7.51 15.48 -9.65
N ALA C 301 7.67 14.92 -8.46
CA ALA C 301 8.98 14.36 -8.04
C ALA C 301 8.79 13.03 -7.31
N ILE C 302 9.54 12.03 -7.76
CA ILE C 302 9.50 10.66 -7.24
C ILE C 302 10.78 10.31 -6.50
N GLY C 303 10.62 10.01 -5.21
CA GLY C 303 11.74 9.59 -4.38
C GLY C 303 11.35 8.42 -3.50
N MET C 304 12.22 8.18 -2.52
CA MET C 304 12.12 7.05 -1.61
C MET C 304 12.35 7.41 -0.14
N SER C 305 12.05 8.64 0.27
CA SER C 305 12.26 9.00 1.68
C SER C 305 11.34 10.12 2.11
N THR C 306 11.67 10.77 3.25
CA THR C 306 11.27 12.17 3.54
C THR C 306 9.86 12.26 4.09
N VAL C 307 8.89 11.64 3.40
CA VAL C 307 7.49 11.85 3.78
C VAL C 307 7.23 11.45 5.27
N HIS C 308 7.75 10.31 5.70
CA HIS C 308 7.52 9.81 7.07
C HIS C 308 8.34 10.60 8.08
N GLU C 309 9.50 11.09 7.66
CA GLU C 309 10.26 12.05 8.47
C GLU C 309 9.47 13.32 8.74
N ILE C 310 8.88 13.88 7.71
CA ILE C 310 8.05 15.06 7.74
C ILE C 310 6.83 14.88 8.62
N ILE C 311 6.12 13.77 8.47
CA ILE C 311 4.93 13.46 9.26
C ILE C 311 5.28 13.31 10.78
N THR C 312 6.40 12.67 11.09
CA THR C 312 6.91 12.65 12.46
C THR C 312 7.21 14.06 12.97
N ALA C 313 7.86 14.89 12.15
CA ALA C 313 8.14 16.31 12.55
C ALA C 313 6.88 17.11 12.82
N ARG C 314 5.90 17.09 11.91
CA ARG C 314 4.59 17.70 12.18
C ARG C 314 3.89 17.16 13.45
N HIS C 315 3.91 15.84 13.63
CA HIS C 315 3.37 15.27 14.86
C HIS C 315 3.90 15.97 16.12
N CYS C 316 5.20 16.21 16.21
CA CYS C 316 5.62 16.87 17.42
C CYS C 316 5.78 18.41 17.36
N GLY C 317 5.09 19.02 16.40
CA GLY C 317 4.98 20.46 16.34
C GLY C 317 6.09 21.23 15.65
N MET C 318 6.98 20.54 14.94
CA MET C 318 8.06 21.23 14.25
C MET C 318 7.65 21.91 12.94
N THR C 319 8.37 22.97 12.56
CA THR C 319 8.09 23.64 11.28
C THR C 319 8.99 22.94 10.27
N CYS C 320 8.40 22.57 9.13
CA CYS C 320 9.12 21.81 8.07
C CYS C 320 9.33 22.61 6.78
N PHE C 321 10.51 22.40 6.20
CA PHE C 321 10.83 22.86 4.89
C PHE C 321 11.56 21.71 4.20
N ALA C 322 11.23 21.45 2.94
CA ALA C 322 11.87 20.37 2.26
C ALA C 322 12.05 20.65 0.78
N PHE C 323 13.07 20.06 0.18
CA PHE C 323 13.26 20.18 -1.25
C PHE C 323 13.88 18.90 -1.81
N SER C 324 13.61 18.69 -3.09
CA SER C 324 14.16 17.61 -3.88
C SER C 324 15.15 18.20 -4.86
N LEU C 325 16.34 17.61 -4.94
CA LEU C 325 17.25 17.87 -6.04
C LEU C 325 16.87 16.90 -7.18
N ILE C 326 16.57 17.42 -8.38
CA ILE C 326 16.18 16.58 -9.52
C ILE C 326 17.46 16.00 -10.11
N THR C 327 17.66 14.70 -9.85
CA THR C 327 18.92 14.09 -10.17
C THR C 327 18.82 13.30 -11.47
N ASN C 328 17.62 13.15 -12.00
CA ASN C 328 17.41 12.37 -13.23
C ASN C 328 15.97 12.55 -13.64
N MET C 329 15.68 12.39 -14.92
CA MET C 329 14.32 12.49 -15.40
C MET C 329 13.73 11.09 -15.43
N CYS C 330 12.47 10.98 -15.05
CA CYS C 330 11.78 9.69 -15.13
C CYS C 330 11.62 9.30 -16.58
N THR C 331 11.63 8.00 -16.84
CA THR C 331 11.37 7.50 -18.19
C THR C 331 9.90 7.67 -18.55
N MET C 332 9.66 8.43 -19.61
CA MET C 332 8.28 8.78 -20.01
C MET C 332 7.73 7.92 -21.13
N SER C 333 8.59 7.17 -21.82
CA SER C 333 8.11 6.38 -22.95
C SER C 333 8.87 5.06 -23.12
N TYR C 334 8.25 4.16 -23.87
CA TYR C 334 8.88 2.90 -24.23
C TYR C 334 10.02 3.12 -25.23
N GLU C 335 10.00 4.29 -25.88
CA GLU C 335 10.96 4.62 -26.92
C GLU C 335 12.30 5.19 -26.37
N GLU C 336 12.26 5.92 -25.24
CA GLU C 336 13.48 6.52 -24.63
C GLU C 336 14.52 5.52 -24.10
N GLU C 337 15.80 5.82 -24.33
CA GLU C 337 16.89 5.08 -23.70
C GLU C 337 16.95 5.46 -22.18
N GLU C 338 16.87 4.47 -21.29
CA GLU C 338 16.93 4.76 -19.84
C GLU C 338 18.28 4.44 -19.22
N GLU C 339 18.86 5.42 -18.52
CA GLU C 339 20.15 5.19 -17.88
C GLU C 339 20.15 5.75 -16.46
N HIS C 340 19.41 5.09 -15.57
CA HIS C 340 19.34 5.48 -14.16
C HIS C 340 20.51 4.83 -13.47
N CYS C 341 21.30 5.61 -12.73
CA CYS C 341 22.50 5.10 -12.12
C CYS C 341 22.76 5.83 -10.80
N HIS C 342 22.80 5.10 -9.70
CA HIS C 342 22.96 5.72 -8.37
C HIS C 342 24.17 6.64 -8.25
N ASP C 343 25.32 6.17 -8.75
CA ASP C 343 26.53 6.97 -8.77
C ASP C 343 26.40 8.32 -9.51
N SER C 344 25.68 8.33 -10.63
CA SER C 344 25.43 9.59 -11.35
C SER C 344 24.48 10.51 -10.58
N ILE C 345 23.50 9.88 -9.92
CA ILE C 345 22.48 10.56 -9.13
C ILE C 345 23.15 11.30 -7.96
N VAL C 346 24.05 10.62 -7.22
CA VAL C 346 24.81 11.28 -6.14
C VAL C 346 25.71 12.38 -6.72
N GLY C 347 26.32 12.08 -7.87
CA GLY C 347 27.16 12.99 -8.66
C GLY C 347 26.52 14.35 -8.95
N VAL C 348 25.22 14.32 -9.25
CA VAL C 348 24.48 15.53 -9.58
C VAL C 348 24.56 16.51 -8.37
N GLY C 349 24.41 15.97 -7.17
CA GLY C 349 24.39 16.77 -5.96
C GLY C 349 25.77 17.24 -5.57
N LYS C 350 26.71 16.27 -5.56
CA LYS C 350 28.17 16.55 -5.42
C LYS C 350 28.69 17.70 -6.33
N ASN C 351 28.28 17.73 -7.57
CA ASN C 351 28.65 18.80 -8.47
C ASN C 351 27.98 20.12 -8.22
N ARG C 352 27.04 20.14 -7.32
CA ARG C 352 26.32 21.39 -6.99
C ARG C 352 26.47 21.80 -5.54
N GLU C 353 27.51 21.29 -4.91
CA GLU C 353 27.68 21.47 -3.48
C GLU C 353 27.76 22.94 -3.01
N LYS C 354 28.42 23.80 -3.78
CA LYS C 354 28.53 25.23 -3.40
C LYS C 354 27.15 25.92 -3.39
N THR C 355 26.38 25.75 -4.47
CA THR C 355 25.04 26.32 -4.59
C THR C 355 24.01 25.82 -3.54
N LEU C 356 23.98 24.49 -3.35
CA LEU C 356 23.18 23.83 -2.31
C LEU C 356 23.51 24.33 -0.93
N GLY C 357 24.80 24.44 -0.63
CA GLY C 357 25.28 24.94 0.67
C GLY C 357 24.87 26.39 0.90
N GLU C 358 25.05 27.22 -0.11
CA GLU C 358 24.62 28.61 -0.04
C GLU C 358 23.09 28.73 0.14
N PHE C 359 22.33 27.96 -0.65
CA PHE C 359 20.87 27.94 -0.57
C PHE C 359 20.39 27.53 0.85
N VAL C 360 20.89 26.40 1.37
CA VAL C 360 20.49 25.92 2.71
C VAL C 360 20.94 26.90 3.80
N SER C 361 22.17 27.35 3.67
CA SER C 361 22.72 28.36 4.54
C SER C 361 21.85 29.64 4.67
N ARG C 362 21.33 30.14 3.55
CA ARG C 362 20.40 31.27 3.61
C ARG C 362 19.04 30.97 4.19
N ILE C 363 18.44 29.84 3.88
CA ILE C 363 17.24 29.37 4.55
C ILE C 363 17.38 29.33 6.09
N VAL C 364 18.47 28.75 6.55
CA VAL C 364 18.79 28.65 7.97
C VAL C 364 18.96 30.03 8.63
N LYS C 365 19.70 30.91 7.95
CA LYS C 365 19.87 32.30 8.33
C LYS C 365 18.51 32.97 8.53
N HIS C 366 17.60 32.74 7.58
CA HIS C 366 16.27 33.30 7.65
C HIS C 366 15.52 32.81 8.89
N ILE C 367 15.49 31.49 9.09
CA ILE C 367 14.87 30.91 10.27
C ILE C 367 15.44 31.51 11.57
N HIS C 368 16.76 31.59 11.66
CA HIS C 368 17.45 32.16 12.81
C HIS C 368 17.08 33.63 13.11
N TYR C 369 17.03 34.47 12.11
CA TYR C 369 16.75 35.84 12.33
C TYR C 369 15.30 36.17 12.58
N GLU C 370 14.39 35.39 12.04
CA GLU C 370 12.98 35.49 12.33
C GLU C 370 12.63 35.10 13.74
N ALA C 371 13.32 34.12 14.26
CA ALA C 371 13.22 33.80 15.65
C ALA C 371 13.89 34.92 16.40
P PO4 D . -14.48 5.90 12.61
O1 PO4 D . -15.85 6.51 12.58
O2 PO4 D . -14.50 4.75 13.62
O3 PO4 D . -14.06 5.33 11.31
O4 PO4 D . -13.51 6.98 13.00
P PO4 E . -1.37 2.19 -2.94
O1 PO4 E . -1.46 3.10 -1.73
O2 PO4 E . -2.34 1.02 -2.82
O3 PO4 E . -1.68 2.98 -4.20
O4 PO4 E . 0.04 1.63 -3.08
O5' DIH F . -11.12 12.10 14.08
C5' DIH F . -10.29 11.01 13.65
C4' DIH F . -11.18 9.78 13.62
C6' DIH F . -12.45 10.02 12.76
C3' DIH F . -10.44 8.62 13.00
O3' DIH F . -10.89 7.41 13.64
C2' DIH F . -10.94 8.59 11.56
N1' DIH F . -12.39 8.95 11.73
C10 DIH F . -13.01 9.20 10.41
C9 DIH F . -12.75 10.53 9.74
C8 DIH F . -13.53 11.70 9.92
N7 DIH F . -13.02 12.69 9.12
C5 DIH F . -11.95 12.20 8.44
C6 DIH F . -11.04 12.77 7.40
O6 DIH F . -11.15 13.99 6.98
N1 DIH F . -10.11 11.92 6.93
C2 DIH F . -9.96 10.62 7.36
N3 DIH F . -10.78 10.08 8.27
C4 DIH F . -11.78 10.86 8.81
P PO4 G . -2.33 -16.72 -10.73
O1 PO4 G . -2.37 -17.07 -12.19
O2 PO4 G . -1.32 -17.62 -10.03
O3 PO4 G . -1.82 -15.30 -10.57
O4 PO4 G . -3.64 -16.90 -10.04
O5' DIH H . -9.30 -17.24 -9.00
C5' DIH H . -8.40 -16.69 -8.03
C4' DIH H . -6.98 -16.77 -8.57
C6' DIH H . -6.89 -16.32 -10.05
C3' DIH H . -6.03 -15.88 -7.77
O3' DIH H . -4.77 -16.52 -7.60
C2' DIH H . -5.79 -14.68 -8.69
N1' DIH H . -5.79 -15.32 -10.02
C10 DIH H . -5.82 -14.33 -11.09
C9 DIH H . -7.12 -13.64 -11.43
C8 DIH H . -8.06 -14.07 -12.39
N7 DIH H . -9.10 -13.19 -12.44
C5 DIH H . -8.84 -12.18 -11.57
C6 DIH H . -9.55 -10.93 -11.20
O6 DIH H . -10.66 -10.63 -11.73
N1 DIH H . -8.96 -10.17 -10.27
C2 DIH H . -7.78 -10.49 -9.66
N3 DIH H . -7.09 -11.59 -9.98
C4 DIH H . -7.63 -12.44 -10.94
P PO4 I . 17.35 10.09 -0.82
O1 PO4 I . 17.87 11.45 -1.29
O2 PO4 I . 17.88 9.66 0.53
O3 PO4 I . 15.86 10.04 -0.75
O4 PO4 I . 17.88 9.10 -1.79
O5' DIH J . 19.66 6.26 -6.54
C5' DIH J . 18.85 5.60 -5.56
C4' DIH J . 18.59 6.55 -4.40
C6' DIH J . 18.27 7.99 -4.85
C3' DIH J . 17.41 6.04 -3.58
O3' DIH J . 17.64 6.26 -2.16
C2' DIH J . 16.27 6.96 -4.00
N1' DIH J . 16.95 8.25 -4.22
C10 DIH J . 16.02 9.21 -4.82
C9 DIH J . 15.72 9.09 -6.29
C8 DIH J . 16.43 9.71 -7.31
N7 DIH J . 15.85 9.42 -8.50
C5 DIH J . 14.81 8.62 -8.27
C6 DIH J . 13.79 7.95 -9.13
O6 DIH J . 13.84 8.15 -10.34
N1 DIH J . 12.84 7.18 -8.54
C2 DIH J . 12.82 7.02 -7.19
N3 DIH J . 13.72 7.62 -6.37
C4 DIH J . 14.70 8.41 -6.91
#